data_3AIK
#
_entry.id   3AIK
#
_cell.length_a   76.327
_cell.length_b   114.752
_cell.length_c   102.206
_cell.angle_alpha   90.00
_cell.angle_beta   108.84
_cell.angle_gamma   90.00
#
_symmetry.space_group_name_H-M   'P 1 21 1'
#
loop_
_entity.id
_entity.type
_entity.pdbx_description
1 polymer '303aa long hypothetical esterase'
2 non-polymer (4S)-2-METHYL-2,4-PENTANEDIOL
3 non-polymer (4R)-2-METHYLPENTANE-2,4-DIOL
4 non-polymer 'PHOSPHATE ION'
5 water water
#
_entity_poly.entity_id   1
_entity_poly.type   'polypeptide(L)'
_entity_poly.pdbx_seq_one_letter_code
;MGSSHHHHHHSSGLVPRGSHMIDPKIKKLLESTIQLPIGKASVEEIRSLFKQFSSLTPREEVGKIEDITIPGSETNIKAR
VYYPKTQGPYGVLVYYHGGGFVLGDIESYDPLCRAITNSCQCVTISVDYRLAPENKFPAAVVDSFDALKWVYNNSEKFNG
KYGIAVGGDSAGGNLAAVTAILSKKENIKLKYQVLIYPAVSFDLITKSLYDNGEGFFLTREHIDWFGQQYLRSFADLLDF
RFSPILADLNDLPPALIITAEHDPLRDQGEAYANKLLQSGVQVTSVRFNNVIHGFVSFFPFIEQGRDAIGLIGYVLRKVF
YGK
;
_entity_poly.pdbx_strand_id   A,B,C,D
#
loop_
_chem_comp.id
_chem_comp.type
_chem_comp.name
_chem_comp.formula
MPD non-polymer (4S)-2-METHYL-2,4-PENTANEDIOL 'C6 H14 O2'
MRD non-polymer (4R)-2-METHYLPENTANE-2,4-DIOL 'C6 H14 O2'
PO4 non-polymer 'PHOSPHATE ION' 'O4 P -3'
#
# COMPACT_ATOMS: atom_id res chain seq x y z
N ALA A 41 30.10 -16.35 12.18
CA ALA A 41 30.23 -17.81 11.84
C ALA A 41 30.54 -18.02 10.35
N SER A 42 31.30 -19.08 10.04
CA SER A 42 31.61 -19.42 8.65
C SER A 42 30.36 -19.92 7.93
N VAL A 43 30.45 -20.02 6.59
CA VAL A 43 29.36 -20.64 5.84
C VAL A 43 29.16 -22.09 6.31
N GLU A 44 30.25 -22.83 6.53
CA GLU A 44 30.16 -24.20 7.05
C GLU A 44 29.44 -24.23 8.42
N GLU A 45 29.82 -23.34 9.32
CA GLU A 45 29.14 -23.26 10.62
C GLU A 45 27.64 -23.01 10.48
N ILE A 46 27.26 -22.07 9.63
CA ILE A 46 25.85 -21.81 9.40
C ILE A 46 25.09 -22.97 8.74
N ARG A 47 25.72 -23.62 7.76
CA ARG A 47 25.12 -24.84 7.20
C ARG A 47 24.84 -25.89 8.27
N SER A 48 25.80 -26.08 9.18
CA SER A 48 25.62 -27.02 10.28
C SER A 48 24.49 -26.57 11.21
N LEU A 49 24.52 -25.30 11.60
CA LEU A 49 23.44 -24.70 12.40
C LEU A 49 22.02 -24.97 11.85
N PHE A 50 21.84 -24.85 10.54
CA PHE A 50 20.55 -25.22 9.92
C PHE A 50 20.13 -26.64 10.31
N LYS A 51 21.04 -27.59 10.11
CA LYS A 51 20.76 -28.98 10.48
C LYS A 51 20.47 -29.12 11.98
N GLN A 52 21.28 -28.48 12.81
CA GLN A 52 21.06 -28.44 14.25
C GLN A 52 19.68 -27.91 14.65
N PHE A 53 19.29 -26.77 14.08
CA PHE A 53 18.00 -26.18 14.40
C PHE A 53 16.86 -27.11 14.01
N SER A 54 17.05 -27.86 12.93
CA SER A 54 16.05 -28.81 12.42
C SER A 54 15.70 -29.90 13.43
N SER A 55 16.63 -30.24 14.27
CA SER A 55 16.44 -31.30 15.22
C SER A 55 15.54 -30.89 16.37
N LEU A 56 15.11 -29.66 16.38
CA LEU A 56 14.20 -29.12 17.36
C LEU A 56 12.79 -29.07 16.80
N THR A 57 12.63 -29.31 15.50
CA THR A 57 11.33 -29.41 14.86
C THR A 57 10.84 -30.85 14.74
N PRO A 58 9.66 -31.17 15.23
CA PRO A 58 9.18 -32.57 15.19
C PRO A 58 9.12 -33.09 13.77
N ARG A 59 9.55 -34.33 13.56
CA ARG A 59 9.46 -34.94 12.24
C ARG A 59 8.23 -35.84 12.20
N GLU A 60 7.22 -35.46 11.43
CA GLU A 60 6.04 -36.31 11.28
C GLU A 60 6.42 -37.64 10.63
N GLU A 61 5.78 -38.70 11.08
CA GLU A 61 5.84 -39.98 10.46
C GLU A 61 5.27 -39.92 9.06
N VAL A 62 5.91 -40.53 8.10
CA VAL A 62 5.35 -40.67 6.77
C VAL A 62 5.26 -42.17 6.45
N GLY A 63 4.94 -42.54 5.21
CA GLY A 63 4.79 -43.94 4.82
C GLY A 63 6.12 -44.68 4.74
N LYS A 64 7.05 -44.09 4.01
CA LYS A 64 8.35 -44.69 3.71
C LYS A 64 9.29 -43.61 3.18
N ILE A 65 10.56 -43.70 3.55
CA ILE A 65 11.58 -42.75 3.10
C ILE A 65 12.71 -43.53 2.46
N GLU A 66 13.20 -43.04 1.33
CA GLU A 66 14.41 -43.59 0.76
C GLU A 66 15.32 -42.52 0.10
N ASP A 67 16.62 -42.66 0.32
CA ASP A 67 17.59 -41.76 -0.31
C ASP A 67 18.08 -42.35 -1.61
N ILE A 68 17.94 -41.58 -2.69
CA ILE A 68 18.39 -42.00 -4.02
C ILE A 68 19.51 -41.07 -4.53
N THR A 69 20.13 -41.49 -5.63
CA THR A 69 21.07 -40.66 -6.38
C THR A 69 20.55 -40.50 -7.81
N ILE A 70 20.35 -39.25 -8.22
CA ILE A 70 19.87 -38.96 -9.58
C ILE A 70 21.07 -38.62 -10.47
N PRO A 71 21.22 -39.35 -11.60
CA PRO A 71 22.36 -39.08 -12.47
C PRO A 71 22.22 -37.73 -13.17
N GLY A 72 23.02 -36.75 -12.76
CA GLY A 72 22.94 -35.42 -13.34
C GLY A 72 23.87 -35.21 -14.52
N SER A 73 23.64 -34.13 -15.27
CA SER A 73 24.53 -33.77 -16.37
C SER A 73 25.91 -33.32 -15.90
N GLU A 74 25.98 -32.71 -14.72
CA GLU A 74 27.25 -32.24 -14.20
C GLU A 74 27.64 -32.88 -12.87
N THR A 75 26.73 -33.64 -12.27
CA THR A 75 26.99 -34.22 -10.96
C THR A 75 25.99 -35.34 -10.67
N ASN A 76 26.28 -36.12 -9.65
CA ASN A 76 25.28 -37.06 -9.12
C ASN A 76 24.53 -36.39 -7.97
N ILE A 77 23.21 -36.30 -8.12
CA ILE A 77 22.37 -35.41 -7.30
C ILE A 77 21.69 -36.27 -6.24
N LYS A 78 22.06 -36.09 -4.98
CA LYS A 78 21.31 -36.74 -3.89
C LYS A 78 19.86 -36.22 -3.80
N ALA A 79 18.92 -37.13 -3.58
CA ALA A 79 17.52 -36.78 -3.31
C ALA A 79 16.92 -37.67 -2.24
N ARG A 80 16.00 -37.11 -1.46
CA ARG A 80 15.24 -37.93 -0.53
C ARG A 80 13.79 -38.04 -0.99
N VAL A 81 13.32 -39.28 -1.08
CA VAL A 81 11.99 -39.59 -1.53
C VAL A 81 11.10 -39.93 -0.31
N TYR A 82 10.05 -39.14 -0.13
CA TYR A 82 9.07 -39.35 0.95
C TYR A 82 7.78 -39.88 0.36
N TYR A 83 7.36 -41.06 0.81
CA TYR A 83 6.03 -41.57 0.47
C TYR A 83 5.01 -41.22 1.55
N PRO A 84 3.77 -40.93 1.15
CA PRO A 84 2.77 -40.69 2.17
C PRO A 84 2.24 -42.02 2.72
N LYS A 85 1.39 -41.93 3.71
CA LYS A 85 0.86 -43.09 4.38
C LYS A 85 -0.25 -43.75 3.59
N THR A 86 -0.83 -43.05 2.64
CA THR A 86 -1.91 -43.55 1.80
C THR A 86 -1.40 -44.50 0.72
N GLN A 87 -2.30 -45.19 0.05
CA GLN A 87 -1.98 -46.09 -1.04
C GLN A 87 -1.87 -45.32 -2.35
N GLY A 88 -1.00 -45.78 -3.22
CA GLY A 88 -0.83 -45.20 -4.56
C GLY A 88 -1.97 -45.59 -5.48
N PRO A 89 -1.91 -45.16 -6.75
CA PRO A 89 -0.85 -44.34 -7.35
C PRO A 89 -0.82 -42.93 -6.75
N TYR A 90 0.27 -42.20 -7.02
CA TYR A 90 0.51 -40.87 -6.44
C TYR A 90 0.76 -39.79 -7.49
N GLY A 91 0.61 -38.53 -7.08
CA GLY A 91 1.32 -37.43 -7.72
C GLY A 91 2.64 -37.22 -7.02
N VAL A 92 3.59 -36.61 -7.73
CA VAL A 92 4.95 -36.47 -7.24
C VAL A 92 5.31 -34.99 -7.26
N LEU A 93 5.68 -34.48 -6.09
CA LEU A 93 6.17 -33.12 -5.95
C LEU A 93 7.67 -33.17 -5.89
N VAL A 94 8.33 -32.51 -6.83
CA VAL A 94 9.77 -32.33 -6.72
C VAL A 94 10.03 -31.00 -5.98
N TYR A 95 10.76 -31.09 -4.87
CA TYR A 95 10.86 -29.95 -3.94
C TYR A 95 12.30 -29.45 -3.85
N TYR A 96 12.45 -28.13 -3.91
CA TYR A 96 13.77 -27.48 -3.84
C TYR A 96 13.82 -26.59 -2.61
N HIS A 97 14.66 -26.95 -1.65
CA HIS A 97 14.78 -26.18 -0.41
C HIS A 97 15.29 -24.75 -0.67
N GLY A 98 14.98 -23.83 0.23
CA GLY A 98 15.54 -22.46 0.17
C GLY A 98 16.83 -22.37 0.98
N GLY A 99 17.31 -21.14 1.20
CA GLY A 99 18.61 -20.93 1.82
C GLY A 99 19.56 -20.08 0.99
N GLY A 100 19.00 -19.22 0.13
CA GLY A 100 19.78 -18.21 -0.59
C GLY A 100 20.77 -18.75 -1.59
N PHE A 101 20.53 -19.99 -2.07
CA PHE A 101 21.45 -20.72 -2.94
C PHE A 101 22.76 -21.18 -2.26
N VAL A 102 22.87 -20.92 -0.97
CA VAL A 102 24.14 -21.08 -0.25
C VAL A 102 23.99 -22.04 0.94
N LEU A 103 22.81 -22.03 1.55
CA LEU A 103 22.53 -22.78 2.77
C LEU A 103 21.35 -23.74 2.56
N GLY A 104 21.07 -24.52 3.59
CA GLY A 104 20.00 -25.50 3.56
C GLY A 104 20.44 -26.79 2.86
N ASP A 105 19.60 -27.82 2.96
CA ASP A 105 19.95 -29.13 2.46
C ASP A 105 18.84 -30.09 2.84
N ILE A 106 18.95 -31.31 2.36
CA ILE A 106 17.89 -32.30 2.57
C ILE A 106 17.58 -32.49 4.06
N GLU A 107 18.63 -32.57 4.88
CA GLU A 107 18.44 -32.82 6.32
C GLU A 107 17.71 -31.67 7.04
N SER A 108 18.16 -30.44 6.85
CA SER A 108 17.52 -29.34 7.56
C SER A 108 16.08 -29.14 7.07
N TYR A 109 15.78 -29.58 5.84
CA TYR A 109 14.42 -29.41 5.30
C TYR A 109 13.56 -30.65 5.48
N ASP A 110 14.11 -31.64 6.17
CA ASP A 110 13.43 -32.92 6.34
C ASP A 110 12.10 -32.77 7.09
N PRO A 111 12.07 -31.97 8.19
CA PRO A 111 10.78 -31.82 8.89
C PRO A 111 9.69 -31.17 8.00
N LEU A 112 10.07 -30.15 7.24
CA LEU A 112 9.10 -29.52 6.34
C LEU A 112 8.63 -30.48 5.22
N CYS A 113 9.56 -31.21 4.61
CA CYS A 113 9.18 -32.16 3.53
C CYS A 113 8.27 -33.29 4.00
N ARG A 114 8.48 -33.76 5.23
CA ARG A 114 7.56 -34.71 5.86
C ARG A 114 6.18 -34.11 6.03
N ALA A 115 6.10 -32.87 6.48
CA ALA A 115 4.81 -32.25 6.73
C ALA A 115 4.08 -32.01 5.42
N ILE A 116 4.83 -31.53 4.43
CA ILE A 116 4.26 -31.37 3.08
C ILE A 116 3.71 -32.70 2.51
N THR A 117 4.51 -33.76 2.61
CA THR A 117 4.11 -35.09 2.13
C THR A 117 2.77 -35.51 2.72
N ASN A 118 2.63 -35.39 4.04
CA ASN A 118 1.39 -35.78 4.73
C ASN A 118 0.23 -34.86 4.37
N SER A 119 0.53 -33.59 4.17
CA SER A 119 -0.50 -32.67 3.78
C SER A 119 -1.01 -32.94 2.35
N CYS A 120 -0.11 -33.12 1.39
CA CYS A 120 -0.52 -33.29 -0.03
C CYS A 120 -0.89 -34.73 -0.33
N GLN A 121 -0.51 -35.64 0.56
CA GLN A 121 -0.69 -37.08 0.32
C GLN A 121 -0.09 -37.46 -1.04
N CYS A 122 1.16 -37.06 -1.21
CA CYS A 122 1.81 -37.23 -2.47
C CYS A 122 3.26 -37.61 -2.21
N VAL A 123 3.91 -38.21 -3.20
CA VAL A 123 5.33 -38.50 -3.07
C VAL A 123 6.10 -37.18 -3.19
N THR A 124 6.96 -36.88 -2.23
CA THR A 124 7.78 -35.67 -2.31
C THR A 124 9.22 -36.08 -2.48
N ILE A 125 9.92 -35.40 -3.39
CA ILE A 125 11.33 -35.69 -3.64
C ILE A 125 12.18 -34.44 -3.45
N SER A 126 12.89 -34.41 -2.32
CA SER A 126 13.68 -33.27 -1.92
C SER A 126 15.08 -33.36 -2.53
N VAL A 127 15.48 -32.32 -3.26
CA VAL A 127 16.67 -32.37 -4.14
C VAL A 127 17.83 -31.62 -3.49
N ASP A 128 18.98 -32.28 -3.35
CA ASP A 128 20.22 -31.65 -2.83
C ASP A 128 21.04 -30.99 -3.96
N TYR A 129 20.53 -29.88 -4.50
CA TYR A 129 21.21 -29.23 -5.61
C TYR A 129 22.52 -28.59 -5.13
N ARG A 130 23.47 -28.41 -6.05
CA ARG A 130 24.77 -27.86 -5.68
C ARG A 130 24.66 -26.43 -5.14
N LEU A 131 25.42 -26.12 -4.10
CA LEU A 131 25.33 -24.82 -3.44
C LEU A 131 26.49 -23.91 -3.81
N ALA A 132 26.26 -22.60 -3.71
CA ALA A 132 27.31 -21.59 -3.83
C ALA A 132 27.85 -21.30 -2.43
N PRO A 133 29.02 -20.62 -2.34
CA PRO A 133 29.90 -20.13 -3.40
C PRO A 133 30.69 -21.22 -4.15
N GLU A 134 30.75 -22.44 -3.59
CA GLU A 134 31.55 -23.54 -4.20
C GLU A 134 31.12 -23.81 -5.64
N ASN A 135 29.81 -23.81 -5.87
CA ASN A 135 29.26 -24.07 -7.19
C ASN A 135 28.39 -22.88 -7.60
N LYS A 136 28.98 -22.03 -8.44
CA LYS A 136 28.30 -20.80 -8.85
C LYS A 136 27.08 -21.13 -9.69
N PHE A 137 26.11 -20.22 -9.72
CA PHE A 137 25.15 -20.17 -10.84
C PHE A 137 25.84 -20.54 -12.16
N PRO A 138 25.17 -21.30 -13.04
CA PRO A 138 23.85 -21.89 -12.89
C PRO A 138 23.83 -23.32 -12.32
N ALA A 139 24.78 -23.69 -11.48
CA ALA A 139 24.83 -25.09 -11.00
C ALA A 139 23.49 -25.51 -10.36
N ALA A 140 22.95 -24.67 -9.46
CA ALA A 140 21.71 -25.03 -8.76
C ALA A 140 20.60 -25.27 -9.75
N VAL A 141 20.53 -24.44 -10.79
CA VAL A 141 19.49 -24.57 -11.79
C VAL A 141 19.67 -25.84 -12.62
N VAL A 142 20.90 -26.09 -13.03
CA VAL A 142 21.21 -27.31 -13.80
C VAL A 142 20.77 -28.55 -13.01
N ASP A 143 21.19 -28.63 -11.75
CA ASP A 143 20.78 -29.76 -10.87
C ASP A 143 19.27 -29.84 -10.68
N SER A 144 18.64 -28.71 -10.39
CA SER A 144 17.19 -28.71 -10.18
C SER A 144 16.46 -29.20 -11.43
N PHE A 145 16.90 -28.74 -12.59
CA PHE A 145 16.24 -29.16 -13.81
C PHE A 145 16.56 -30.63 -14.14
N ASP A 146 17.82 -31.02 -14.00
CA ASP A 146 18.23 -32.43 -14.26
C ASP A 146 17.38 -33.39 -13.40
N ALA A 147 17.14 -32.98 -12.16
CA ALA A 147 16.46 -33.85 -11.22
C ALA A 147 15.00 -33.97 -11.59
N LEU A 148 14.43 -32.88 -12.01
CA LEU A 148 13.06 -32.92 -12.43
C LEU A 148 12.85 -33.76 -13.68
N LYS A 149 13.70 -33.56 -14.66
CA LYS A 149 13.62 -34.33 -15.90
C LYS A 149 13.71 -35.84 -15.62
N TRP A 150 14.64 -36.21 -14.75
CA TRP A 150 14.80 -37.61 -14.37
C TRP A 150 13.54 -38.12 -13.65
N VAL A 151 13.00 -37.31 -12.74
CA VAL A 151 11.82 -37.75 -11.98
C VAL A 151 10.68 -37.90 -12.97
N TYR A 152 10.55 -36.94 -13.87
CA TYR A 152 9.52 -37.01 -14.88
C TYR A 152 9.67 -38.30 -15.72
N ASN A 153 10.91 -38.63 -16.08
CA ASN A 153 11.16 -39.77 -16.96
C ASN A 153 11.09 -41.11 -16.22
N ASN A 154 11.08 -41.04 -14.89
CA ASN A 154 11.10 -42.23 -14.06
C ASN A 154 9.96 -42.29 -13.02
N SER A 155 8.85 -41.62 -13.30
CA SER A 155 7.81 -41.44 -12.28
C SER A 155 7.18 -42.78 -11.91
N GLU A 156 7.24 -43.73 -12.84
CA GLU A 156 6.76 -45.09 -12.58
C GLU A 156 7.46 -45.76 -11.39
N LYS A 157 8.72 -45.40 -11.12
CA LYS A 157 9.45 -45.89 -9.94
C LYS A 157 8.74 -45.55 -8.62
N PHE A 158 7.97 -44.48 -8.65
CA PHE A 158 7.35 -43.94 -7.45
C PHE A 158 5.84 -44.16 -7.52
N ASN A 159 5.42 -45.01 -8.48
CA ASN A 159 4.01 -45.17 -8.79
C ASN A 159 3.38 -43.77 -8.95
N GLY A 160 4.09 -42.92 -9.71
CA GLY A 160 3.72 -41.53 -9.92
C GLY A 160 2.75 -41.27 -11.05
N LYS A 161 1.65 -42.01 -11.07
CA LYS A 161 0.77 -41.97 -12.26
C LYS A 161 -0.05 -40.69 -12.41
N TYR A 162 -0.20 -39.92 -11.33
CA TYR A 162 -1.06 -38.73 -11.37
C TYR A 162 -0.30 -37.46 -11.77
N GLY A 163 0.97 -37.60 -12.14
CA GLY A 163 1.74 -36.47 -12.69
C GLY A 163 2.73 -35.83 -11.73
N ILE A 164 3.44 -34.81 -12.22
CA ILE A 164 4.58 -34.22 -11.51
C ILE A 164 4.32 -32.73 -11.28
N ALA A 165 4.60 -32.26 -10.07
CA ALA A 165 4.60 -30.84 -9.77
C ALA A 165 5.98 -30.40 -9.28
N VAL A 166 6.25 -29.09 -9.32
CA VAL A 166 7.46 -28.56 -8.69
C VAL A 166 7.10 -27.65 -7.52
N GLY A 167 7.99 -27.54 -6.55
CA GLY A 167 7.75 -26.59 -5.47
C GLY A 167 9.02 -26.20 -4.76
N GLY A 168 8.98 -25.08 -4.05
CA GLY A 168 10.12 -24.69 -3.25
C GLY A 168 9.90 -23.37 -2.55
N ASP A 169 10.77 -23.05 -1.62
CA ASP A 169 10.64 -21.85 -0.84
C ASP A 169 11.84 -20.93 -1.05
N SER A 170 11.61 -19.63 -1.16
CA SER A 170 12.63 -18.62 -1.28
C SER A 170 13.51 -18.89 -2.51
N ALA A 171 14.80 -19.07 -2.33
CA ALA A 171 15.65 -19.51 -3.41
C ALA A 171 15.16 -20.81 -4.05
N GLY A 172 14.61 -21.69 -3.24
CA GLY A 172 13.99 -22.90 -3.77
C GLY A 172 12.79 -22.60 -4.65
N GLY A 173 12.01 -21.59 -4.29
CA GLY A 173 10.89 -21.16 -5.12
C GLY A 173 11.36 -20.56 -6.44
N ASN A 174 12.45 -19.81 -6.39
CA ASN A 174 13.16 -19.43 -7.61
C ASN A 174 13.47 -20.65 -8.52
N LEU A 175 14.06 -21.68 -7.94
CA LEU A 175 14.44 -22.87 -8.71
C LEU A 175 13.23 -23.63 -9.28
N ALA A 176 12.15 -23.70 -8.49
CA ALA A 176 10.93 -24.33 -8.93
C ALA A 176 10.38 -23.55 -10.13
N ALA A 177 10.36 -22.22 -10.03
CA ALA A 177 9.84 -21.40 -11.11
C ALA A 177 10.66 -21.58 -12.40
N VAL A 178 11.99 -21.56 -12.26
CA VAL A 178 12.90 -21.64 -13.37
C VAL A 178 12.85 -23.03 -14.00
N THR A 179 12.72 -24.05 -13.14
CA THR A 179 12.56 -25.43 -13.59
C THR A 179 11.26 -25.58 -14.39
N ALA A 180 10.22 -24.86 -13.99
CA ALA A 180 8.98 -24.94 -14.75
C ALA A 180 9.10 -24.25 -16.13
N ILE A 181 9.86 -23.16 -16.18
CA ILE A 181 10.12 -22.50 -17.47
C ILE A 181 10.96 -23.39 -18.39
N LEU A 182 12.00 -24.01 -17.86
CA LEU A 182 12.85 -24.89 -18.66
C LEU A 182 12.14 -26.15 -19.16
N SER A 183 11.17 -26.60 -18.38
CA SER A 183 10.33 -27.75 -18.71
C SER A 183 9.50 -27.53 -19.97
N LYS A 184 8.94 -26.34 -20.08
CA LYS A 184 8.04 -25.99 -21.18
C LYS A 184 8.80 -26.05 -22.50
N LYS A 185 10.00 -25.53 -22.45
CA LYS A 185 10.95 -25.57 -23.51
C LYS A 185 11.30 -26.96 -24.02
N GLU A 186 11.26 -27.96 -23.15
CA GLU A 186 11.56 -29.36 -23.43
C GLU A 186 10.31 -30.24 -23.52
N ASN A 187 9.14 -29.61 -23.63
CA ASN A 187 7.87 -30.35 -23.62
C ASN A 187 7.72 -31.35 -22.47
N ILE A 188 8.26 -31.02 -21.30
CA ILE A 188 7.86 -31.67 -20.05
C ILE A 188 6.59 -31.02 -19.50
N LYS A 189 5.53 -31.81 -19.38
CA LYS A 189 4.20 -31.31 -18.98
C LYS A 189 3.94 -31.48 -17.46
N LEU A 190 4.12 -30.39 -16.73
CA LEU A 190 3.96 -30.39 -15.28
C LEU A 190 2.51 -30.11 -14.89
N LYS A 191 2.07 -30.68 -13.77
CA LYS A 191 0.73 -30.44 -13.26
C LYS A 191 0.58 -29.06 -12.61
N TYR A 192 1.61 -28.62 -11.91
CA TYR A 192 1.47 -27.52 -10.95
C TYR A 192 2.84 -27.00 -10.52
N GLN A 193 2.89 -25.76 -10.05
CA GLN A 193 4.08 -25.24 -9.39
C GLN A 193 3.66 -24.49 -8.13
N VAL A 194 4.29 -24.83 -7.01
CA VAL A 194 4.06 -24.20 -5.71
C VAL A 194 5.27 -23.34 -5.35
N LEU A 195 5.08 -22.03 -5.34
CA LEU A 195 6.15 -21.07 -5.18
C LEU A 195 5.94 -20.35 -3.85
N ILE A 196 6.74 -20.73 -2.87
CA ILE A 196 6.64 -20.24 -1.51
C ILE A 196 7.61 -19.07 -1.28
N TYR A 197 7.06 -17.89 -1.10
CA TYR A 197 7.79 -16.64 -1.08
C TYR A 197 9.01 -16.67 -2.01
N PRO A 198 8.80 -16.86 -3.32
CA PRO A 198 9.91 -17.03 -4.24
C PRO A 198 10.72 -15.78 -4.48
N ALA A 199 12.00 -15.93 -4.79
CA ALA A 199 12.77 -14.84 -5.37
C ALA A 199 12.65 -14.95 -6.90
N VAL A 200 12.15 -13.89 -7.54
CA VAL A 200 11.89 -13.95 -8.98
C VAL A 200 12.63 -12.88 -9.79
N SER A 201 13.29 -11.94 -9.11
CA SER A 201 13.99 -10.84 -9.78
C SER A 201 15.06 -10.23 -8.89
N PHE A 202 16.12 -9.73 -9.51
CA PHE A 202 16.95 -8.71 -8.89
C PHE A 202 16.08 -7.50 -8.65
N ASP A 203 16.24 -6.83 -7.51
CA ASP A 203 15.25 -5.83 -7.08
C ASP A 203 15.97 -4.71 -6.34
N LEU A 204 15.92 -3.60 -6.82
CA LEU A 204 16.31 -2.40 -6.08
C LEU A 204 15.13 -1.42 -5.97
N ILE A 205 13.95 -1.73 -6.24
CA ILE A 205 12.84 -0.78 -6.43
C ILE A 205 11.52 -1.08 -5.71
N THR A 206 11.23 -2.33 -5.38
CA THR A 206 9.88 -2.59 -4.81
C THR A 206 9.69 -1.91 -3.46
N LYS A 207 8.47 -1.48 -3.20
CA LYS A 207 8.14 -0.90 -1.90
C LYS A 207 8.47 -1.89 -0.77
N SER A 208 8.11 -3.15 -0.95
CA SER A 208 8.32 -4.14 0.13
C SER A 208 9.81 -4.30 0.48
N LEU A 209 10.67 -4.19 -0.53
CA LEU A 209 12.13 -4.25 -0.29
C LEU A 209 12.60 -3.20 0.73
N TYR A 210 12.17 -1.96 0.54
CA TYR A 210 12.55 -0.88 1.44
C TYR A 210 11.77 -0.89 2.76
N ASP A 211 10.47 -1.23 2.71
CA ASP A 211 9.67 -1.29 3.95
C ASP A 211 10.13 -2.42 4.85
N ASN A 212 10.55 -3.53 4.24
CA ASN A 212 10.75 -4.80 4.96
C ASN A 212 12.21 -5.27 4.94
N GLY A 213 13.10 -4.41 4.46
CA GLY A 213 14.48 -4.82 4.18
C GLY A 213 15.35 -4.88 5.43
N GLU A 214 14.82 -4.39 6.55
CA GLU A 214 15.51 -4.55 7.85
C GLU A 214 14.53 -4.97 8.95
N GLY A 215 15.00 -5.78 9.88
CA GLY A 215 14.21 -6.08 11.07
C GLY A 215 13.22 -7.22 10.94
N PHE A 216 13.25 -7.94 9.81
CA PHE A 216 12.32 -9.07 9.62
C PHE A 216 13.09 -10.28 9.09
N PHE A 217 14.22 -10.60 9.76
CA PHE A 217 14.93 -11.86 9.51
C PHE A 217 15.77 -11.96 8.22
N LEU A 218 15.09 -11.76 7.07
CA LEU A 218 15.83 -11.68 5.83
C LEU A 218 16.01 -10.19 5.57
N THR A 219 17.26 -9.75 5.46
CA THR A 219 17.60 -8.33 5.32
C THR A 219 18.23 -8.06 3.94
N ARG A 220 18.31 -6.78 3.57
CA ARG A 220 19.06 -6.34 2.38
C ARG A 220 20.44 -6.94 2.32
N GLU A 221 21.15 -6.87 3.45
CA GLU A 221 22.54 -7.32 3.51
C GLU A 221 22.64 -8.81 3.21
N HIS A 222 21.70 -9.60 3.73
CA HIS A 222 21.63 -11.01 3.34
C HIS A 222 21.40 -11.17 1.84
N ILE A 223 20.42 -10.45 1.30
CA ILE A 223 20.08 -10.59 -0.10
C ILE A 223 21.29 -10.27 -1.00
N ASP A 224 21.97 -9.15 -0.71
CA ASP A 224 23.19 -8.76 -1.43
C ASP A 224 24.25 -9.86 -1.31
N TRP A 225 24.52 -10.32 -0.09
CA TRP A 225 25.57 -11.31 0.12
C TRP A 225 25.27 -12.63 -0.61
N PHE A 226 24.05 -13.15 -0.48
CA PHE A 226 23.66 -14.35 -1.23
C PHE A 226 23.91 -14.18 -2.72
N GLY A 227 23.51 -13.02 -3.24
CA GLY A 227 23.64 -12.74 -4.66
C GLY A 227 25.10 -12.74 -5.11
N GLN A 228 25.98 -12.17 -4.29
CA GLN A 228 27.43 -12.18 -4.57
C GLN A 228 27.99 -13.61 -4.56
N GLN A 229 27.51 -14.44 -3.64
CA GLN A 229 28.01 -15.82 -3.55
C GLN A 229 27.61 -16.63 -4.78
N TYR A 230 26.37 -16.43 -5.22
CA TYR A 230 25.74 -17.26 -6.22
C TYR A 230 26.17 -16.89 -7.65
N LEU A 231 26.09 -15.59 -7.98
CA LEU A 231 26.25 -15.14 -9.37
C LEU A 231 27.72 -15.06 -9.80
N ARG A 232 27.98 -15.25 -11.10
CA ARG A 232 29.34 -15.17 -11.66
C ARG A 232 29.70 -13.74 -12.05
N SER A 233 28.77 -13.04 -12.70
CA SER A 233 28.98 -11.64 -13.03
C SER A 233 27.68 -10.85 -13.15
N PHE A 234 27.83 -9.57 -13.43
CA PHE A 234 26.71 -8.67 -13.56
C PHE A 234 25.78 -9.09 -14.70
N ALA A 235 26.34 -9.71 -15.74
CA ALA A 235 25.54 -10.12 -16.89
C ALA A 235 24.49 -11.18 -16.51
N ASP A 236 24.74 -11.92 -15.44
CA ASP A 236 23.79 -12.95 -15.02
C ASP A 236 22.44 -12.33 -14.60
N LEU A 237 22.44 -11.04 -14.31
CA LEU A 237 21.18 -10.35 -13.95
C LEU A 237 20.25 -10.26 -15.15
N LEU A 238 20.76 -10.48 -16.35
CA LEU A 238 19.92 -10.55 -17.56
C LEU A 238 19.36 -11.95 -17.82
N ASP A 239 19.76 -12.91 -16.99
CA ASP A 239 19.49 -14.33 -17.27
C ASP A 239 18.16 -14.71 -16.60
N PHE A 240 17.19 -15.16 -17.39
CA PHE A 240 15.92 -15.62 -16.83
C PHE A 240 16.08 -16.77 -15.83
N ARG A 241 17.17 -17.53 -15.95
CA ARG A 241 17.41 -18.62 -15.02
C ARG A 241 17.74 -18.12 -13.62
N PHE A 242 18.10 -16.85 -13.52
CA PHE A 242 18.28 -16.21 -12.21
C PHE A 242 17.04 -15.38 -11.88
N SER A 243 16.59 -14.58 -12.84
CA SER A 243 15.37 -13.79 -12.69
C SER A 243 14.25 -14.29 -13.59
N PRO A 244 13.45 -15.24 -13.08
CA PRO A 244 12.45 -15.84 -13.98
C PRO A 244 11.33 -14.88 -14.41
N ILE A 245 11.16 -13.76 -13.70
CA ILE A 245 10.22 -12.73 -14.16
C ILE A 245 10.50 -12.26 -15.61
N LEU A 246 11.76 -12.37 -16.03
CA LEU A 246 12.23 -11.99 -17.38
C LEU A 246 11.65 -12.90 -18.49
N ALA A 247 11.28 -14.13 -18.13
CA ALA A 247 10.94 -15.11 -19.15
C ALA A 247 9.55 -14.87 -19.71
N ASP A 248 9.27 -15.49 -20.85
CA ASP A 248 7.90 -15.58 -21.38
C ASP A 248 7.17 -16.69 -20.60
N LEU A 249 6.17 -16.30 -19.85
CA LEU A 249 5.45 -17.18 -18.95
C LEU A 249 4.21 -17.87 -19.49
N ASN A 250 3.90 -17.74 -20.78
CA ASN A 250 2.74 -18.48 -21.20
C ASN A 250 2.99 -19.95 -21.22
N ASP A 251 1.93 -20.65 -21.09
CA ASP A 251 1.89 -22.11 -21.15
C ASP A 251 2.61 -22.80 -19.99
N LEU A 252 2.78 -22.09 -18.88
CA LEU A 252 3.38 -22.70 -17.70
C LEU A 252 2.30 -23.40 -16.88
N PRO A 253 2.70 -24.33 -16.00
CA PRO A 253 1.68 -25.00 -15.20
C PRO A 253 0.97 -24.00 -14.27
N PRO A 254 -0.27 -24.31 -13.86
CA PRO A 254 -0.93 -23.44 -12.87
C PRO A 254 -0.18 -23.41 -11.53
N ALA A 255 -0.39 -22.34 -10.76
CA ALA A 255 0.54 -22.02 -9.68
C ALA A 255 -0.22 -21.65 -8.43
N LEU A 256 0.36 -21.97 -7.28
CA LEU A 256 0.01 -21.32 -6.01
C LEU A 256 1.24 -20.53 -5.57
N ILE A 257 1.05 -19.23 -5.34
CA ILE A 257 2.14 -18.37 -4.93
C ILE A 257 1.81 -17.75 -3.57
N ILE A 258 2.62 -18.11 -2.59
CA ILE A 258 2.45 -17.62 -1.22
C ILE A 258 3.47 -16.49 -0.98
N THR A 259 3.01 -15.33 -0.53
CA THR A 259 3.91 -14.29 -0.08
C THR A 259 3.60 -13.95 1.38
N ALA A 260 4.51 -13.17 1.99
CA ALA A 260 4.37 -12.85 3.41
C ALA A 260 4.33 -11.34 3.54
N GLU A 261 3.45 -10.84 4.39
CA GLU A 261 3.32 -9.40 4.55
C GLU A 261 4.64 -8.68 4.83
N HIS A 262 5.40 -9.19 5.81
CA HIS A 262 6.59 -8.46 6.24
C HIS A 262 7.85 -8.96 5.55
N ASP A 263 7.75 -9.27 4.26
CA ASP A 263 8.86 -9.90 3.53
C ASP A 263 9.34 -8.90 2.47
N PRO A 264 10.68 -8.62 2.39
CA PRO A 264 11.18 -7.77 1.30
C PRO A 264 10.86 -8.35 -0.09
N LEU A 265 10.70 -9.67 -0.19
CA LEU A 265 10.38 -10.29 -1.51
C LEU A 265 8.89 -10.28 -1.86
N ARG A 266 8.08 -9.70 -0.98
CA ARG A 266 6.64 -9.85 -1.12
C ARG A 266 6.12 -9.29 -2.47
N ASP A 267 6.48 -8.04 -2.78
CA ASP A 267 5.93 -7.38 -3.98
C ASP A 267 6.35 -8.12 -5.26
N GLN A 268 7.61 -8.52 -5.34
CA GLN A 268 8.07 -9.24 -6.53
C GLN A 268 7.42 -10.61 -6.72
N GLY A 269 7.11 -11.29 -5.62
CA GLY A 269 6.35 -12.53 -5.71
C GLY A 269 4.96 -12.31 -6.29
N GLU A 270 4.27 -11.27 -5.82
CA GLU A 270 2.94 -10.94 -6.31
C GLU A 270 3.00 -10.45 -7.77
N ALA A 271 4.08 -9.79 -8.14
CA ALA A 271 4.30 -9.43 -9.55
C ALA A 271 4.40 -10.69 -10.43
N TYR A 272 5.11 -11.71 -9.96
CA TYR A 272 5.24 -12.94 -10.72
C TYR A 272 3.87 -13.57 -10.96
N ALA A 273 3.02 -13.54 -9.94
CA ALA A 273 1.64 -13.97 -10.11
C ALA A 273 0.93 -13.19 -11.19
N ASN A 274 1.02 -11.88 -11.14
CA ASN A 274 0.38 -11.02 -12.12
C ASN A 274 0.78 -11.34 -13.55
N LYS A 275 2.06 -11.51 -13.78
CA LYS A 275 2.60 -11.78 -15.09
C LYS A 275 2.14 -13.13 -15.56
N LEU A 276 2.15 -14.11 -14.68
CA LEU A 276 1.53 -15.40 -15.03
C LEU A 276 0.08 -15.24 -15.50
N LEU A 277 -0.73 -14.53 -14.71
CA LEU A 277 -2.11 -14.27 -15.07
C LEU A 277 -2.23 -13.59 -16.43
N GLN A 278 -1.43 -12.54 -16.64
CA GLN A 278 -1.38 -11.82 -17.90
C GLN A 278 -1.03 -12.75 -19.06
N SER A 279 -0.27 -13.80 -18.76
CA SER A 279 0.14 -14.77 -19.77
C SER A 279 -0.83 -15.95 -19.90
N GLY A 280 -2.00 -15.84 -19.27
CA GLY A 280 -3.06 -16.84 -19.45
C GLY A 280 -2.86 -18.09 -18.59
N VAL A 281 -2.04 -17.99 -17.55
CA VAL A 281 -1.86 -19.14 -16.64
C VAL A 281 -2.70 -18.92 -15.37
N GLN A 282 -3.36 -19.95 -14.88
CA GLN A 282 -4.15 -19.86 -13.67
C GLN A 282 -3.20 -19.78 -12.45
N VAL A 283 -3.42 -18.83 -11.56
CA VAL A 283 -2.59 -18.73 -10.34
C VAL A 283 -3.40 -18.21 -9.18
N THR A 284 -3.27 -18.89 -8.05
CA THR A 284 -3.85 -18.39 -6.84
C THR A 284 -2.70 -17.76 -6.07
N SER A 285 -2.76 -16.45 -5.96
CA SER A 285 -1.73 -15.68 -5.25
C SER A 285 -2.28 -15.26 -3.90
N VAL A 286 -1.63 -15.65 -2.83
CA VAL A 286 -2.12 -15.45 -1.50
C VAL A 286 -1.07 -14.78 -0.58
N ARG A 287 -1.37 -13.62 -0.03
CA ARG A 287 -0.46 -12.95 0.88
C ARG A 287 -0.85 -13.31 2.30
N PHE A 288 0.00 -14.05 2.99
CA PHE A 288 -0.22 -14.33 4.40
C PHE A 288 0.25 -13.13 5.21
N ASN A 289 -0.68 -12.49 5.89
CA ASN A 289 -0.38 -11.29 6.65
C ASN A 289 0.26 -11.64 8.00
N ASN A 290 0.89 -10.65 8.63
CA ASN A 290 1.43 -10.75 9.99
C ASN A 290 2.62 -11.70 10.14
N VAL A 291 3.17 -12.16 9.03
CA VAL A 291 4.28 -13.12 9.07
C VAL A 291 5.48 -12.65 8.24
N ILE A 292 6.60 -13.33 8.43
CA ILE A 292 7.85 -12.91 7.82
C ILE A 292 8.25 -13.90 6.72
N HIS A 293 9.22 -13.54 5.90
CA HIS A 293 9.95 -14.51 5.06
C HIS A 293 10.38 -15.70 5.88
N GLY A 294 10.18 -16.88 5.33
CA GLY A 294 10.60 -18.10 6.01
C GLY A 294 9.54 -18.73 6.91
N PHE A 295 8.35 -18.13 6.99
CA PHE A 295 7.38 -18.52 8.02
C PHE A 295 6.90 -19.98 7.89
N VAL A 296 6.85 -20.50 6.68
CA VAL A 296 6.43 -21.88 6.45
C VAL A 296 7.38 -22.90 7.07
N SER A 297 8.69 -22.57 7.09
CA SER A 297 9.68 -23.41 7.77
C SER A 297 9.45 -23.48 9.29
N PHE A 298 8.84 -22.43 9.84
CA PHE A 298 8.59 -22.38 11.28
C PHE A 298 7.15 -22.78 11.62
N PHE A 299 6.54 -23.62 10.78
CA PHE A 299 5.20 -24.13 11.03
C PHE A 299 4.91 -24.69 12.44
N PRO A 300 5.89 -25.33 13.10
CA PRO A 300 5.58 -25.87 14.43
C PRO A 300 5.21 -24.81 15.48
N PHE A 301 5.63 -23.59 15.27
CA PHE A 301 5.31 -22.55 16.19
C PHE A 301 4.73 -21.26 15.60
N ILE A 302 4.59 -21.21 14.28
CA ILE A 302 3.87 -20.16 13.62
C ILE A 302 2.65 -20.80 12.94
N GLU A 303 1.49 -20.63 13.55
CA GLU A 303 0.30 -21.36 13.10
C GLU A 303 -0.04 -21.06 11.63
N GLN A 304 0.21 -19.82 11.21
CA GLN A 304 -0.03 -19.43 9.81
C GLN A 304 0.78 -20.29 8.84
N GLY A 305 1.96 -20.72 9.30
CA GLY A 305 2.82 -21.64 8.55
C GLY A 305 2.20 -23.02 8.38
N ARG A 306 1.63 -23.55 9.46
CA ARG A 306 0.80 -24.76 9.40
C ARG A 306 -0.36 -24.61 8.40
N ASP A 307 -1.08 -23.50 8.48
CA ASP A 307 -2.21 -23.28 7.58
C ASP A 307 -1.77 -23.17 6.10
N ALA A 308 -0.59 -22.56 5.87
CA ALA A 308 -0.02 -22.50 4.52
C ALA A 308 0.26 -23.91 4.01
N ILE A 309 0.85 -24.74 4.86
CA ILE A 309 1.10 -26.13 4.45
C ILE A 309 -0.22 -26.86 4.15
N GLY A 310 -1.26 -26.53 4.92
CA GLY A 310 -2.61 -27.05 4.65
C GLY A 310 -3.14 -26.64 3.28
N LEU A 311 -2.97 -25.36 2.93
CA LEU A 311 -3.36 -24.86 1.61
C LEU A 311 -2.55 -25.53 0.48
N ILE A 312 -1.24 -25.65 0.66
CA ILE A 312 -0.40 -26.35 -0.31
C ILE A 312 -0.93 -27.78 -0.54
N GLY A 313 -1.28 -28.45 0.55
CA GLY A 313 -1.82 -29.81 0.49
C GLY A 313 -3.13 -29.85 -0.27
N TYR A 314 -4.01 -28.89 0.02
CA TYR A 314 -5.26 -28.78 -0.72
C TYR A 314 -5.09 -28.67 -2.23
N VAL A 315 -4.28 -27.70 -2.69
CA VAL A 315 -4.17 -27.47 -4.13
C VAL A 315 -3.54 -28.66 -4.85
N LEU A 316 -2.56 -29.31 -4.20
CA LEU A 316 -1.93 -30.46 -4.84
C LEU A 316 -2.86 -31.69 -4.87
N ARG A 317 -3.58 -31.93 -3.77
CA ARG A 317 -4.57 -33.01 -3.75
C ARG A 317 -5.65 -32.75 -4.83
N LYS A 318 -6.03 -31.48 -4.98
CA LYS A 318 -6.98 -31.09 -6.01
C LYS A 318 -6.47 -31.42 -7.42
N VAL A 319 -5.28 -30.91 -7.76
CA VAL A 319 -4.77 -31.04 -9.12
C VAL A 319 -4.40 -32.49 -9.45
N PHE A 320 -3.83 -33.20 -8.50
CA PHE A 320 -3.43 -34.59 -8.73
C PHE A 320 -4.64 -35.53 -8.74
N TYR A 321 -5.49 -35.40 -7.72
CA TYR A 321 -6.47 -36.44 -7.41
C TYR A 321 -7.92 -36.02 -7.67
N GLY A 322 -8.14 -34.75 -7.97
CA GLY A 322 -9.47 -34.22 -8.13
C GLY A 322 -10.17 -34.08 -6.79
N LYS A 323 -9.38 -33.96 -5.75
CA LYS A 323 -9.82 -33.92 -4.37
C LYS A 323 -9.97 -32.52 -3.83
N ALA B 41 -0.74 6.33 -36.25
CA ALA B 41 -0.05 7.51 -35.65
C ALA B 41 1.46 7.35 -35.74
N SER B 42 2.10 8.06 -36.66
CA SER B 42 3.56 8.07 -36.75
C SER B 42 4.19 8.87 -35.60
N VAL B 43 5.48 8.64 -35.37
CA VAL B 43 6.21 9.40 -34.38
C VAL B 43 6.14 10.90 -34.67
N GLU B 44 6.34 11.27 -35.94
CA GLU B 44 6.26 12.68 -36.33
C GLU B 44 4.88 13.29 -36.08
N GLU B 45 3.84 12.46 -36.11
CA GLU B 45 2.50 12.94 -35.87
C GLU B 45 2.22 13.17 -34.40
N ILE B 46 2.64 12.23 -33.56
CA ILE B 46 2.53 12.42 -32.12
C ILE B 46 3.32 13.64 -31.65
N ARG B 47 4.51 13.85 -32.22
CA ARG B 47 5.33 15.01 -31.89
C ARG B 47 4.64 16.33 -32.24
N SER B 48 3.98 16.35 -33.41
CA SER B 48 3.26 17.55 -33.86
C SER B 48 2.02 17.82 -33.04
N LEU B 49 1.27 16.76 -32.75
CA LEU B 49 0.10 16.89 -31.91
C LEU B 49 0.41 17.54 -30.56
N PHE B 50 1.51 17.11 -29.94
CA PHE B 50 1.89 17.67 -28.63
C PHE B 50 2.35 19.12 -28.77
N LYS B 51 3.18 19.41 -29.77
CA LYS B 51 3.53 20.81 -30.05
C LYS B 51 2.32 21.69 -30.31
N GLN B 52 1.34 21.17 -31.05
CA GLN B 52 0.13 21.95 -31.35
C GLN B 52 -0.63 22.30 -30.08
N PHE B 53 -0.94 21.29 -29.29
CA PHE B 53 -1.62 21.48 -28.02
C PHE B 53 -0.88 22.48 -27.15
N SER B 54 0.42 22.34 -27.08
CA SER B 54 1.21 23.23 -26.24
C SER B 54 1.26 24.69 -26.74
N SER B 55 1.13 24.88 -28.05
CA SER B 55 1.15 26.22 -28.64
C SER B 55 -0.03 27.08 -28.16
N LEU B 56 -1.10 26.42 -27.71
CA LEU B 56 -2.26 27.08 -27.11
C LEU B 56 -2.15 27.51 -25.64
N THR B 57 -1.15 27.02 -24.94
CA THR B 57 -1.06 27.26 -23.50
C THR B 57 -0.64 28.68 -23.16
N PRO B 58 -1.46 29.40 -22.37
CA PRO B 58 -1.09 30.75 -21.96
C PRO B 58 0.25 30.71 -21.23
N ARG B 59 1.15 31.62 -21.55
CA ARG B 59 2.57 31.59 -21.15
C ARG B 59 2.92 32.75 -20.18
N GLU B 60 3.68 32.51 -19.12
CA GLU B 60 4.13 33.58 -18.27
C GLU B 60 5.26 34.33 -18.92
N GLU B 61 5.18 35.66 -18.84
CA GLU B 61 6.30 36.54 -19.09
C GLU B 61 7.50 36.17 -18.21
N VAL B 62 8.69 36.16 -18.80
CA VAL B 62 9.93 36.07 -18.03
C VAL B 62 10.78 37.30 -18.31
N GLY B 63 12.00 37.34 -17.78
CA GLY B 63 12.88 38.50 -17.95
C GLY B 63 13.43 38.64 -19.36
N LYS B 64 13.92 37.54 -19.92
CA LYS B 64 14.72 37.56 -21.15
C LYS B 64 14.88 36.11 -21.57
N ILE B 65 14.77 35.85 -22.88
CA ILE B 65 14.91 34.50 -23.43
C ILE B 65 15.93 34.50 -24.58
N GLU B 66 16.92 33.61 -24.51
CA GLU B 66 17.91 33.49 -25.58
C GLU B 66 18.10 32.04 -25.97
N ASP B 67 18.07 31.78 -27.28
CA ASP B 67 18.42 30.48 -27.84
C ASP B 67 19.91 30.41 -28.13
N ILE B 68 20.52 29.30 -27.71
CA ILE B 68 21.94 29.08 -27.93
C ILE B 68 22.18 27.71 -28.52
N THR B 69 23.41 27.48 -28.99
CA THR B 69 23.82 26.17 -29.50
C THR B 69 25.09 25.70 -28.80
N ILE B 70 24.94 24.65 -28.00
CA ILE B 70 26.06 24.12 -27.22
C ILE B 70 26.83 23.11 -28.06
N PRO B 71 28.17 23.21 -28.06
CA PRO B 71 28.94 22.29 -28.88
C PRO B 71 29.06 20.94 -28.19
N GLY B 72 28.19 20.00 -28.53
CA GLY B 72 28.22 18.68 -27.90
C GLY B 72 29.40 17.85 -28.42
N SER B 73 29.71 16.77 -27.71
CA SER B 73 30.68 15.80 -28.20
C SER B 73 30.19 15.08 -29.46
N GLU B 74 28.89 14.91 -29.62
CA GLU B 74 28.40 14.17 -30.81
C GLU B 74 27.52 15.00 -31.73
N THR B 75 27.10 16.15 -31.24
CA THR B 75 26.13 16.97 -31.98
C THR B 75 26.14 18.40 -31.46
N ASN B 76 25.57 19.30 -32.23
CA ASN B 76 25.29 20.65 -31.74
C ASN B 76 23.96 20.64 -30.99
N ILE B 77 23.97 21.08 -29.74
CA ILE B 77 22.82 20.89 -28.86
C ILE B 77 22.11 22.24 -28.67
N LYS B 78 20.91 22.37 -29.21
CA LYS B 78 20.14 23.58 -28.97
C LYS B 78 19.67 23.65 -27.52
N ALA B 79 19.68 24.85 -26.94
CA ALA B 79 19.14 25.06 -25.60
C ALA B 79 18.47 26.43 -25.54
N ARG B 80 17.41 26.55 -24.75
CA ARG B 80 16.76 27.84 -24.58
C ARG B 80 16.99 28.30 -23.15
N VAL B 81 17.54 29.51 -23.02
CA VAL B 81 17.93 30.06 -21.72
C VAL B 81 16.85 31.07 -21.33
N TYR B 82 16.14 30.79 -20.25
CA TYR B 82 15.15 31.69 -19.68
C TYR B 82 15.73 32.43 -18.47
N TYR B 83 15.68 33.76 -18.49
CA TYR B 83 16.09 34.55 -17.33
C TYR B 83 14.84 34.96 -16.58
N PRO B 84 14.93 35.01 -15.24
CA PRO B 84 13.82 35.51 -14.44
C PRO B 84 13.74 37.05 -14.48
N LYS B 85 12.71 37.61 -13.89
CA LYS B 85 12.51 39.02 -13.89
C LYS B 85 13.30 39.72 -12.83
N THR B 86 13.91 38.98 -11.95
CA THR B 86 14.77 39.53 -10.89
C THR B 86 16.20 39.80 -11.39
N GLN B 87 16.94 40.62 -10.68
CA GLN B 87 18.30 40.85 -11.11
C GLN B 87 19.17 39.77 -10.55
N GLY B 88 20.22 39.47 -11.27
CA GLY B 88 21.23 38.49 -10.84
C GLY B 88 22.12 39.02 -9.72
N PRO B 89 23.11 38.21 -9.29
CA PRO B 89 23.45 36.91 -9.87
C PRO B 89 22.41 35.82 -9.56
N TYR B 90 22.54 34.68 -10.23
CA TYR B 90 21.47 33.69 -10.26
C TYR B 90 22.04 32.33 -9.87
N GLY B 91 21.13 31.42 -9.50
CA GLY B 91 21.37 30.00 -9.71
C GLY B 91 20.86 29.61 -11.07
N VAL B 92 21.38 28.50 -11.61
CA VAL B 92 21.03 28.03 -12.94
C VAL B 92 20.47 26.61 -12.86
N LEU B 93 19.27 26.42 -13.40
CA LEU B 93 18.66 25.09 -13.50
C LEU B 93 18.77 24.59 -14.92
N VAL B 94 19.49 23.49 -15.10
CA VAL B 94 19.53 22.84 -16.41
C VAL B 94 18.42 21.80 -16.46
N TYR B 95 17.48 21.99 -17.38
CA TYR B 95 16.22 21.25 -17.36
C TYR B 95 16.13 20.33 -18.55
N TYR B 96 15.68 19.11 -18.30
CA TYR B 96 15.52 18.10 -19.35
C TYR B 96 14.06 17.70 -19.45
N HIS B 97 13.44 18.01 -20.59
CA HIS B 97 12.02 17.72 -20.79
C HIS B 97 11.75 16.22 -20.78
N GLY B 98 10.51 15.83 -20.47
CA GLY B 98 10.10 14.47 -20.70
C GLY B 98 9.44 14.23 -22.06
N GLY B 99 8.77 13.09 -22.16
CA GLY B 99 8.28 12.61 -23.46
C GLY B 99 8.82 11.24 -23.88
N GLY B 100 9.15 10.40 -22.89
CA GLY B 100 9.52 9.01 -23.18
C GLY B 100 10.78 8.82 -24.04
N PHE B 101 11.69 9.81 -24.01
CA PHE B 101 12.88 9.86 -24.87
C PHE B 101 12.58 10.03 -26.37
N VAL B 102 11.30 10.15 -26.70
CA VAL B 102 10.86 10.09 -28.09
C VAL B 102 10.18 11.40 -28.55
N LEU B 103 9.35 11.96 -27.69
CA LEU B 103 8.57 13.20 -27.85
C LEU B 103 9.04 14.37 -26.97
N GLY B 104 8.37 15.50 -27.07
CA GLY B 104 8.70 16.72 -26.35
C GLY B 104 9.90 17.40 -27.01
N ASP B 105 10.11 18.68 -26.70
CA ASP B 105 11.21 19.46 -27.22
C ASP B 105 11.16 20.82 -26.52
N ILE B 106 12.08 21.71 -26.83
CA ILE B 106 12.06 23.08 -26.32
C ILE B 106 10.72 23.80 -26.48
N GLU B 107 10.14 23.79 -27.68
CA GLU B 107 8.93 24.58 -27.92
C GLU B 107 7.76 24.04 -27.12
N SER B 108 7.57 22.73 -27.15
CA SER B 108 6.42 22.17 -26.47
C SER B 108 6.52 22.28 -24.95
N TYR B 109 7.75 22.44 -24.43
CA TYR B 109 7.96 22.58 -22.98
C TYR B 109 8.13 24.04 -22.55
N ASP B 110 7.97 24.95 -23.49
CA ASP B 110 8.22 26.37 -23.24
C ASP B 110 7.32 26.96 -22.12
N PRO B 111 6.02 26.61 -22.10
CA PRO B 111 5.19 27.13 -21.00
C PRO B 111 5.64 26.63 -19.61
N LEU B 112 6.01 25.36 -19.52
CA LEU B 112 6.49 24.81 -18.25
C LEU B 112 7.81 25.45 -17.82
N CYS B 113 8.75 25.60 -18.76
CA CYS B 113 10.01 26.24 -18.43
C CYS B 113 9.90 27.70 -17.98
N ARG B 114 8.96 28.42 -18.54
CA ARG B 114 8.71 29.82 -18.13
C ARG B 114 8.15 29.84 -16.69
N ALA B 115 7.22 28.94 -16.43
CA ALA B 115 6.59 28.85 -15.12
C ALA B 115 7.64 28.49 -14.09
N ILE B 116 8.47 27.50 -14.40
CA ILE B 116 9.55 27.12 -13.47
C ILE B 116 10.51 28.29 -13.22
N THR B 117 10.89 28.96 -14.29
CA THR B 117 11.79 30.13 -14.20
C THR B 117 11.26 31.17 -13.20
N ASN B 118 9.98 31.51 -13.33
CA ASN B 118 9.36 32.48 -12.43
C ASN B 118 9.24 31.97 -11.00
N SER B 119 8.94 30.68 -10.86
CA SER B 119 8.75 30.12 -9.54
C SER B 119 10.08 30.05 -8.77
N CYS B 120 11.13 29.54 -9.42
CA CYS B 120 12.49 29.42 -8.81
C CYS B 120 13.27 30.74 -8.79
N GLN B 121 12.85 31.73 -9.58
CA GLN B 121 13.68 32.96 -9.77
C GLN B 121 15.14 32.65 -10.09
N CYS B 122 15.32 31.74 -11.04
CA CYS B 122 16.64 31.25 -11.40
C CYS B 122 16.72 31.22 -12.93
N VAL B 123 17.92 31.16 -13.49
CA VAL B 123 18.05 30.98 -14.95
C VAL B 123 17.68 29.54 -15.24
N THR B 124 16.81 29.30 -16.23
CA THR B 124 16.47 27.93 -16.63
C THR B 124 16.96 27.66 -18.04
N ILE B 125 17.67 26.55 -18.21
CA ILE B 125 18.21 26.20 -19.52
C ILE B 125 17.60 24.87 -19.97
N SER B 126 16.72 24.95 -20.98
CA SER B 126 15.95 23.81 -21.46
C SER B 126 16.72 23.19 -22.61
N VAL B 127 17.09 21.92 -22.46
CA VAL B 127 18.05 21.27 -23.36
C VAL B 127 17.34 20.43 -24.41
N ASP B 128 17.61 20.72 -25.69
CA ASP B 128 17.02 19.91 -26.79
C ASP B 128 17.92 18.70 -27.07
N TYR B 129 17.88 17.71 -26.18
CA TYR B 129 18.65 16.48 -26.37
C TYR B 129 18.11 15.63 -27.53
N ARG B 130 18.98 14.86 -28.18
CA ARG B 130 18.58 14.01 -29.29
C ARG B 130 17.52 12.98 -28.92
N LEU B 131 16.57 12.77 -29.83
CA LEU B 131 15.41 11.93 -29.55
C LEU B 131 15.50 10.57 -30.25
N ALA B 132 14.88 9.57 -29.64
CA ALA B 132 14.65 8.27 -30.26
C ALA B 132 13.34 8.32 -31.05
N PRO B 133 13.17 7.42 -32.04
CA PRO B 133 14.06 6.33 -32.38
C PRO B 133 15.25 6.72 -33.27
N GLU B 134 15.27 7.96 -33.77
CA GLU B 134 16.32 8.36 -34.73
C GLU B 134 17.68 8.26 -34.08
N ASN B 135 17.74 8.65 -32.81
CA ASN B 135 18.98 8.61 -32.06
C ASN B 135 18.79 7.74 -30.84
N LYS B 136 19.34 6.53 -30.89
CA LYS B 136 19.12 5.57 -29.81
C LYS B 136 19.93 5.91 -28.57
N PHE B 137 19.51 5.36 -27.43
CA PHE B 137 20.34 5.36 -26.23
C PHE B 137 21.79 5.04 -26.63
N PRO B 138 22.78 5.73 -26.05
CA PRO B 138 22.71 6.73 -24.99
C PRO B 138 22.75 8.19 -25.51
N ALA B 139 22.25 8.44 -26.71
CA ALA B 139 22.35 9.80 -27.29
C ALA B 139 21.80 10.89 -26.35
N ALA B 140 20.60 10.67 -25.80
CA ALA B 140 19.97 11.65 -24.89
C ALA B 140 20.87 11.94 -23.69
N VAL B 141 21.42 10.88 -23.12
CA VAL B 141 22.32 11.00 -21.99
C VAL B 141 23.59 11.80 -22.30
N VAL B 142 24.26 11.43 -23.38
CA VAL B 142 25.46 12.13 -23.81
C VAL B 142 25.16 13.63 -24.00
N ASP B 143 24.08 13.95 -24.70
CA ASP B 143 23.72 15.37 -24.88
C ASP B 143 23.37 16.07 -23.58
N SER B 144 22.60 15.38 -22.72
CA SER B 144 22.21 15.95 -21.44
C SER B 144 23.44 16.25 -20.57
N PHE B 145 24.36 15.30 -20.50
CA PHE B 145 25.60 15.52 -19.74
C PHE B 145 26.55 16.54 -20.38
N ASP B 146 26.74 16.47 -21.69
CA ASP B 146 27.51 17.49 -22.41
C ASP B 146 26.95 18.90 -22.16
N ALA B 147 25.65 19.04 -22.21
CA ALA B 147 25.03 20.32 -21.96
C ALA B 147 25.30 20.80 -20.53
N LEU B 148 25.12 19.94 -19.57
CA LEU B 148 25.38 20.29 -18.20
C LEU B 148 26.83 20.75 -17.98
N LYS B 149 27.77 20.02 -18.50
CA LYS B 149 29.12 20.40 -18.20
C LYS B 149 29.53 21.66 -18.95
N TRP B 150 29.02 21.87 -20.15
CA TRP B 150 29.23 23.17 -20.82
C TRP B 150 28.70 24.34 -19.97
N VAL B 151 27.50 24.17 -19.43
CA VAL B 151 26.91 25.20 -18.58
C VAL B 151 27.74 25.43 -17.34
N TYR B 152 28.12 24.33 -16.67
CA TYR B 152 28.96 24.40 -15.47
C TYR B 152 30.25 25.18 -15.75
N ASN B 153 30.88 24.87 -16.89
CA ASN B 153 32.16 25.51 -17.27
C ASN B 153 32.01 26.94 -17.76
N ASN B 154 30.77 27.33 -18.09
CA ASN B 154 30.48 28.65 -18.68
C ASN B 154 29.45 29.41 -17.85
N SER B 155 29.43 29.18 -16.54
CA SER B 155 28.33 29.66 -15.71
C SER B 155 28.29 31.20 -15.62
N GLU B 156 29.45 31.82 -15.87
CA GLU B 156 29.56 33.27 -15.84
C GLU B 156 28.79 33.93 -16.98
N LYS B 157 28.61 33.23 -18.09
CA LYS B 157 27.77 33.73 -19.18
C LYS B 157 26.36 34.02 -18.70
N PHE B 158 25.92 33.32 -17.67
CA PHE B 158 24.55 33.44 -17.18
C PHE B 158 24.50 34.17 -15.86
N ASN B 159 25.64 34.75 -15.46
CA ASN B 159 25.81 35.29 -14.12
C ASN B 159 25.38 34.28 -13.05
N GLY B 160 25.83 33.05 -13.22
CA GLY B 160 25.35 31.92 -12.41
C GLY B 160 26.23 31.65 -11.20
N LYS B 161 26.46 32.67 -10.39
CA LYS B 161 27.41 32.56 -9.27
C LYS B 161 26.88 31.68 -8.15
N TYR B 162 25.56 31.54 -8.07
CA TYR B 162 24.97 30.73 -7.01
C TYR B 162 24.95 29.25 -7.35
N GLY B 163 25.40 28.91 -8.54
CA GLY B 163 25.68 27.51 -8.85
C GLY B 163 24.60 26.87 -9.71
N ILE B 164 24.73 25.56 -9.92
CA ILE B 164 24.04 24.85 -11.00
C ILE B 164 23.23 23.69 -10.38
N ALA B 165 21.97 23.59 -10.80
CA ALA B 165 21.14 22.44 -10.45
C ALA B 165 20.65 21.76 -11.74
N VAL B 166 20.18 20.51 -11.61
CA VAL B 166 19.56 19.80 -12.73
C VAL B 166 18.13 19.42 -12.37
N GLY B 167 17.27 19.33 -13.36
CA GLY B 167 15.91 18.87 -13.09
C GLY B 167 15.28 18.34 -14.35
N GLY B 168 14.19 17.59 -14.20
CA GLY B 168 13.50 17.06 -15.36
C GLY B 168 12.30 16.25 -14.90
N ASP B 169 11.41 16.04 -15.84
CA ASP B 169 10.19 15.31 -15.65
C ASP B 169 10.15 14.00 -16.48
N SER B 170 9.73 12.92 -15.84
CA SER B 170 9.56 11.64 -16.46
C SER B 170 10.88 11.16 -17.07
N ALA B 171 10.94 10.94 -18.36
CA ALA B 171 12.21 10.60 -19.03
C ALA B 171 13.25 11.68 -18.77
N GLY B 172 12.80 12.91 -18.65
CA GLY B 172 13.70 14.01 -18.33
C GLY B 172 14.26 13.91 -16.91
N GLY B 173 13.45 13.38 -15.99
CA GLY B 173 13.93 13.19 -14.61
C GLY B 173 14.94 12.06 -14.56
N ASN B 174 14.74 11.05 -15.41
CA ASN B 174 15.77 10.07 -15.68
C ASN B 174 17.11 10.71 -16.10
N LEU B 175 17.03 11.61 -17.07
CA LEU B 175 18.23 12.28 -17.60
C LEU B 175 18.86 13.17 -16.54
N ALA B 176 18.04 13.87 -15.76
CA ALA B 176 18.56 14.70 -14.67
C ALA B 176 19.33 13.81 -13.67
N ALA B 177 18.72 12.70 -13.27
CA ALA B 177 19.34 11.84 -12.26
C ALA B 177 20.66 11.28 -12.81
N VAL B 178 20.64 10.83 -14.06
CA VAL B 178 21.85 10.26 -14.69
C VAL B 178 22.96 11.29 -14.87
N THR B 179 22.55 12.51 -15.21
CA THR B 179 23.50 13.62 -15.31
C THR B 179 24.17 13.92 -13.97
N ALA B 180 23.39 13.85 -12.89
CA ALA B 180 23.93 14.07 -11.57
C ALA B 180 24.96 12.99 -11.22
N ILE B 181 24.69 11.75 -11.62
CA ILE B 181 25.62 10.65 -11.35
C ILE B 181 26.90 10.86 -12.16
N LEU B 182 26.74 11.20 -13.44
CA LEU B 182 27.91 11.42 -14.30
C LEU B 182 28.75 12.59 -13.81
N SER B 183 28.10 13.61 -13.24
CA SER B 183 28.79 14.79 -12.73
C SER B 183 29.69 14.46 -11.56
N LYS B 184 29.19 13.63 -10.64
CA LYS B 184 29.94 13.28 -9.44
C LYS B 184 31.23 12.58 -9.83
N LYS B 185 31.13 11.76 -10.86
CA LYS B 185 32.29 11.06 -11.41
C LYS B 185 33.35 12.00 -11.98
N GLU B 186 32.96 13.20 -12.37
CA GLU B 186 33.85 14.11 -13.02
C GLU B 186 34.14 15.24 -12.08
N ASN B 187 33.81 15.06 -10.84
CA ASN B 187 34.00 16.10 -9.88
C ASN B 187 33.29 17.43 -10.18
N ILE B 188 32.14 17.38 -10.82
CA ILE B 188 31.32 18.56 -11.03
C ILE B 188 30.39 18.68 -9.84
N LYS B 189 30.32 19.85 -9.25
CA LYS B 189 29.65 19.98 -7.97
C LYS B 189 28.31 20.69 -8.11
N LEU B 190 27.23 19.92 -8.24
CA LEU B 190 25.90 20.49 -8.47
C LEU B 190 25.26 20.88 -7.14
N LYS B 191 24.42 21.89 -7.15
CA LYS B 191 23.71 22.29 -5.97
C LYS B 191 22.52 21.42 -5.58
N TYR B 192 21.81 20.87 -6.54
CA TYR B 192 20.50 20.26 -6.26
C TYR B 192 20.07 19.44 -7.47
N GLN B 193 19.15 18.50 -7.24
CA GLN B 193 18.53 17.81 -8.37
C GLN B 193 17.02 17.71 -8.15
N VAL B 194 16.24 18.17 -9.14
CA VAL B 194 14.79 18.13 -9.05
C VAL B 194 14.25 17.02 -9.99
N LEU B 195 13.75 15.93 -9.40
CA LEU B 195 13.34 14.78 -10.19
C LEU B 195 11.82 14.63 -10.10
N ILE B 196 11.15 14.97 -11.17
CA ILE B 196 9.73 14.96 -11.27
C ILE B 196 9.22 13.65 -11.86
N TYR B 197 8.58 12.81 -11.07
CA TYR B 197 8.19 11.43 -11.40
C TYR B 197 9.18 10.77 -12.36
N PRO B 198 10.45 10.65 -11.95
CA PRO B 198 11.48 10.12 -12.83
C PRO B 198 11.29 8.64 -13.14
N ALA B 199 11.74 8.24 -14.33
CA ALA B 199 12.01 6.83 -14.62
C ALA B 199 13.40 6.48 -14.08
N VAL B 200 13.48 5.54 -13.16
CA VAL B 200 14.80 5.21 -12.57
C VAL B 200 15.27 3.80 -12.79
N SER B 201 14.40 2.94 -13.30
CA SER B 201 14.73 1.52 -13.45
C SER B 201 13.83 0.87 -14.48
N PHE B 202 14.38 -0.06 -15.25
CA PHE B 202 13.57 -1.08 -15.89
C PHE B 202 12.81 -1.83 -14.80
N ASP B 203 11.52 -2.12 -15.04
CA ASP B 203 10.60 -2.53 -13.97
C ASP B 203 9.63 -3.60 -14.46
N LEU B 204 9.67 -4.78 -13.83
CA LEU B 204 8.64 -5.78 -14.03
C LEU B 204 8.01 -6.22 -12.72
N ILE B 205 8.30 -5.53 -11.67
CA ILE B 205 8.02 -6.04 -10.35
C ILE B 205 7.27 -5.11 -9.36
N THR B 206 7.35 -3.78 -9.53
CA THR B 206 6.75 -2.94 -8.49
C THR B 206 5.23 -3.08 -8.47
N LYS B 207 4.64 -2.94 -7.29
CA LYS B 207 3.19 -2.99 -7.16
C LYS B 207 2.52 -1.87 -7.97
N SER B 208 3.10 -0.67 -7.98
CA SER B 208 2.47 0.45 -8.71
C SER B 208 2.42 0.19 -10.21
N LEU B 209 3.43 -0.49 -10.74
CA LEU B 209 3.43 -0.87 -12.15
C LEU B 209 2.15 -1.67 -12.54
N TYR B 210 1.78 -2.63 -11.71
CA TYR B 210 0.61 -3.46 -11.96
C TYR B 210 -0.72 -2.77 -11.60
N ASP B 211 -0.76 -2.10 -10.45
CA ASP B 211 -1.95 -1.37 -10.03
C ASP B 211 -2.28 -0.23 -10.98
N ASN B 212 -1.25 0.47 -11.46
CA ASN B 212 -1.47 1.75 -12.12
C ASN B 212 -1.15 1.68 -13.60
N GLY B 213 -0.91 0.46 -14.09
CA GLY B 213 -0.35 0.26 -15.43
C GLY B 213 -1.33 0.42 -16.59
N GLU B 214 -2.62 0.49 -16.28
CA GLU B 214 -3.66 0.80 -17.29
C GLU B 214 -4.64 1.84 -16.76
N GLY B 215 -5.13 2.70 -17.65
CA GLY B 215 -6.21 3.63 -17.30
C GLY B 215 -5.75 4.93 -16.66
N PHE B 216 -4.43 5.11 -16.51
CA PHE B 216 -3.91 6.37 -15.97
C PHE B 216 -2.92 7.07 -16.90
N PHE B 217 -3.29 7.15 -18.20
CA PHE B 217 -2.52 7.97 -19.15
C PHE B 217 -1.21 7.34 -19.62
N LEU B 218 -0.29 7.06 -18.67
CA LEU B 218 0.92 6.31 -19.00
C LEU B 218 0.67 4.84 -18.69
N THR B 219 0.65 4.01 -19.73
CA THR B 219 0.28 2.60 -19.59
C THR B 219 1.52 1.71 -19.75
N ARG B 220 1.39 0.42 -19.42
CA ARG B 220 2.45 -0.56 -19.71
C ARG B 220 2.86 -0.56 -21.17
N GLU B 221 1.86 -0.47 -22.06
CA GLU B 221 2.11 -0.48 -23.49
C GLU B 221 2.98 0.70 -23.90
N HIS B 222 2.73 1.87 -23.32
CA HIS B 222 3.57 3.04 -23.60
C HIS B 222 4.99 2.79 -23.08
N ILE B 223 5.09 2.34 -21.84
CA ILE B 223 6.41 2.12 -21.25
C ILE B 223 7.22 1.16 -22.13
N ASP B 224 6.62 0.05 -22.52
CA ASP B 224 7.29 -0.91 -23.44
C ASP B 224 7.68 -0.23 -24.74
N TRP B 225 6.73 0.47 -25.36
CA TRP B 225 6.99 1.10 -26.66
C TRP B 225 8.13 2.13 -26.61
N PHE B 226 8.09 3.01 -25.60
CA PHE B 226 9.18 3.97 -25.42
C PHE B 226 10.53 3.27 -25.25
N GLY B 227 10.60 2.25 -24.40
CA GLY B 227 11.83 1.50 -24.21
C GLY B 227 12.35 0.84 -25.48
N GLN B 228 11.44 0.31 -26.29
CA GLN B 228 11.79 -0.27 -27.60
C GLN B 228 12.34 0.78 -28.59
N GLN B 229 11.80 1.99 -28.58
CA GLN B 229 12.33 3.08 -29.41
C GLN B 229 13.74 3.48 -28.99
N TYR B 230 13.92 3.62 -27.68
CA TYR B 230 15.13 4.24 -27.10
C TYR B 230 16.32 3.28 -27.03
N LEU B 231 16.12 2.08 -26.50
CA LEU B 231 17.24 1.17 -26.23
C LEU B 231 17.79 0.46 -27.48
N ARG B 232 19.03 0.00 -27.42
CA ARG B 232 19.66 -0.74 -28.54
C ARG B 232 19.48 -2.26 -28.43
N SER B 233 19.71 -2.79 -27.23
CA SER B 233 19.58 -4.23 -27.02
C SER B 233 19.25 -4.49 -25.56
N PHE B 234 18.99 -5.75 -25.22
CA PHE B 234 18.70 -6.13 -23.84
C PHE B 234 19.82 -5.74 -22.91
N ALA B 235 21.05 -5.74 -23.42
CA ALA B 235 22.20 -5.41 -22.57
C ALA B 235 22.13 -4.01 -21.97
N ASP B 236 21.44 -3.10 -22.65
CA ASP B 236 21.32 -1.73 -22.14
C ASP B 236 20.57 -1.71 -20.79
N LEU B 237 19.85 -2.78 -20.48
CA LEU B 237 19.14 -2.86 -19.19
C LEU B 237 20.10 -3.00 -18.00
N LEU B 238 21.36 -3.35 -18.26
CA LEU B 238 22.38 -3.36 -17.22
C LEU B 238 23.04 -2.00 -17.02
N ASP B 239 22.68 -1.02 -17.84
CA ASP B 239 23.43 0.23 -17.88
C ASP B 239 22.81 1.24 -16.91
N PHE B 240 23.59 1.72 -15.93
CA PHE B 240 23.06 2.73 -15.00
C PHE B 240 22.61 3.99 -15.70
N ARG B 241 23.12 4.25 -16.90
CA ARG B 241 22.71 5.42 -17.65
C ARG B 241 21.28 5.32 -18.17
N PHE B 242 20.70 4.11 -18.12
CA PHE B 242 19.27 3.91 -18.39
C PHE B 242 18.51 3.71 -17.09
N SER B 243 19.08 2.90 -16.18
CA SER B 243 18.50 2.66 -14.86
C SER B 243 19.43 3.22 -13.78
N PRO B 244 19.32 4.51 -13.48
CA PRO B 244 20.22 5.12 -12.46
C PRO B 244 20.11 4.52 -11.06
N ILE B 245 19.04 3.82 -10.74
CA ILE B 245 18.93 3.16 -9.43
C ILE B 245 20.12 2.21 -9.23
N LEU B 246 20.68 1.70 -10.32
CA LEU B 246 21.81 0.77 -10.27
C LEU B 246 23.10 1.41 -9.74
N ALA B 247 23.22 2.74 -9.86
CA ALA B 247 24.46 3.41 -9.54
C ALA B 247 24.63 3.53 -8.03
N ASP B 248 25.88 3.73 -7.63
CA ASP B 248 26.20 4.20 -6.30
C ASP B 248 25.78 5.65 -6.15
N LEU B 249 24.88 5.91 -5.21
CA LEU B 249 24.25 7.23 -5.06
C LEU B 249 24.90 8.11 -3.97
N ASN B 250 25.98 7.64 -3.37
CA ASN B 250 26.74 8.46 -2.41
C ASN B 250 27.20 9.78 -3.05
N ASP B 251 27.19 10.85 -2.24
CA ASP B 251 27.78 12.14 -2.60
C ASP B 251 27.08 12.86 -3.75
N LEU B 252 25.84 12.48 -4.03
CA LEU B 252 25.04 13.16 -5.04
C LEU B 252 24.39 14.40 -4.44
N PRO B 253 23.96 15.37 -5.28
CA PRO B 253 23.39 16.59 -4.73
C PRO B 253 22.08 16.28 -4.01
N PRO B 254 21.70 17.12 -3.03
CA PRO B 254 20.39 16.95 -2.39
C PRO B 254 19.25 17.07 -3.40
N ALA B 255 18.12 16.42 -3.11
CA ALA B 255 17.06 16.20 -4.11
C ALA B 255 15.67 16.54 -3.63
N LEU B 256 14.82 16.99 -4.57
CA LEU B 256 13.39 16.94 -4.40
C LEU B 256 12.88 15.91 -5.37
N ILE B 257 12.14 14.93 -4.86
CA ILE B 257 11.63 13.90 -5.75
C ILE B 257 10.12 13.87 -5.60
N ILE B 258 9.44 14.26 -6.67
CA ILE B 258 7.98 14.26 -6.71
C ILE B 258 7.47 12.97 -7.34
N THR B 259 6.57 12.28 -6.67
CA THR B 259 5.90 11.14 -7.29
C THR B 259 4.40 11.39 -7.35
N ALA B 260 3.70 10.57 -8.11
CA ALA B 260 2.25 10.74 -8.27
C ALA B 260 1.60 9.45 -7.78
N GLU B 261 0.51 9.57 -7.04
CA GLU B 261 -0.17 8.40 -6.48
C GLU B 261 -0.59 7.37 -7.55
N HIS B 262 -1.17 7.85 -8.64
CA HIS B 262 -1.73 6.94 -9.65
C HIS B 262 -0.81 6.79 -10.86
N ASP B 263 0.42 6.41 -10.61
CA ASP B 263 1.47 6.45 -11.62
C ASP B 263 2.18 5.12 -11.54
N PRO B 264 2.27 4.39 -12.67
CA PRO B 264 3.03 3.13 -12.63
C PRO B 264 4.49 3.31 -12.13
N LEU B 265 5.08 4.48 -12.34
CA LEU B 265 6.46 4.77 -11.89
C LEU B 265 6.58 5.18 -10.42
N ARG B 266 5.46 5.23 -9.72
CA ARG B 266 5.44 5.77 -8.37
C ARG B 266 6.46 5.06 -7.46
N ASP B 267 6.31 3.75 -7.35
CA ASP B 267 7.12 3.00 -6.39
C ASP B 267 8.62 3.14 -6.70
N GLN B 268 9.03 3.07 -7.97
CA GLN B 268 10.44 3.18 -8.29
C GLN B 268 10.99 4.59 -8.04
N GLY B 269 10.15 5.61 -8.27
CA GLY B 269 10.51 6.97 -7.86
C GLY B 269 10.81 7.08 -6.37
N GLU B 270 9.92 6.51 -5.55
CA GLU B 270 10.12 6.57 -4.10
C GLU B 270 11.30 5.68 -3.64
N ALA B 271 11.58 4.62 -4.40
CA ALA B 271 12.78 3.82 -4.14
C ALA B 271 14.05 4.64 -4.35
N TYR B 272 14.08 5.41 -5.44
CA TYR B 272 15.25 6.22 -5.70
C TYR B 272 15.52 7.18 -4.54
N ALA B 273 14.46 7.82 -4.05
CA ALA B 273 14.56 8.69 -2.89
C ALA B 273 15.17 7.95 -1.66
N ASN B 274 14.61 6.79 -1.36
CA ASN B 274 15.10 5.97 -0.24
C ASN B 274 16.54 5.52 -0.40
N LYS B 275 16.94 5.17 -1.62
CA LYS B 275 18.33 4.78 -1.86
C LYS B 275 19.28 5.96 -1.75
N LEU B 276 18.82 7.15 -2.16
CA LEU B 276 19.58 8.37 -1.89
C LEU B 276 19.77 8.60 -0.38
N LEU B 277 18.68 8.54 0.37
CA LEU B 277 18.73 8.72 1.82
C LEU B 277 19.66 7.70 2.48
N GLN B 278 19.51 6.44 2.10
CA GLN B 278 20.41 5.35 2.53
C GLN B 278 21.90 5.62 2.23
N SER B 279 22.15 6.48 1.23
CA SER B 279 23.52 6.74 0.77
C SER B 279 24.03 8.05 1.34
N GLY B 280 23.31 8.61 2.31
CA GLY B 280 23.71 9.83 2.99
C GLY B 280 23.32 11.16 2.34
N VAL B 281 22.43 11.12 1.34
CA VAL B 281 22.02 12.35 0.62
C VAL B 281 20.69 12.86 1.17
N GLN B 282 20.58 14.17 1.36
CA GLN B 282 19.34 14.76 1.85
C GLN B 282 18.28 14.79 0.73
N VAL B 283 17.13 14.24 0.97
CA VAL B 283 16.09 14.15 -0.04
C VAL B 283 14.77 14.59 0.57
N THR B 284 14.01 15.44 -0.07
CA THR B 284 12.60 15.62 0.20
C THR B 284 11.76 14.87 -0.83
N SER B 285 11.11 13.81 -0.37
CA SER B 285 10.34 12.95 -1.26
C SER B 285 8.86 13.21 -0.98
N VAL B 286 8.11 13.67 -2.00
CA VAL B 286 6.72 14.02 -1.81
C VAL B 286 5.85 13.31 -2.85
N ARG B 287 4.85 12.57 -2.39
CA ARG B 287 3.90 11.95 -3.29
C ARG B 287 2.71 12.87 -3.40
N PHE B 288 2.44 13.37 -4.62
CA PHE B 288 1.20 14.09 -4.86
C PHE B 288 0.08 13.09 -5.10
N ASN B 289 -0.89 13.12 -4.19
CA ASN B 289 -2.03 12.21 -4.25
C ASN B 289 -3.08 12.63 -5.29
N ASN B 290 -3.88 11.67 -5.74
CA ASN B 290 -5.02 11.93 -6.66
C ASN B 290 -4.64 12.38 -8.07
N VAL B 291 -3.36 12.28 -8.42
CA VAL B 291 -2.94 12.69 -9.76
C VAL B 291 -2.15 11.61 -10.46
N ILE B 292 -1.93 11.81 -11.75
CA ILE B 292 -1.34 10.78 -12.60
C ILE B 292 0.06 11.20 -13.01
N HIS B 293 0.82 10.27 -13.59
CA HIS B 293 2.06 10.60 -14.30
C HIS B 293 1.87 11.77 -15.27
N GLY B 294 2.81 12.71 -15.25
CA GLY B 294 2.76 13.87 -16.13
C GLY B 294 1.87 15.03 -15.68
N PHE B 295 1.33 14.97 -14.46
CA PHE B 295 0.42 16.00 -13.99
C PHE B 295 1.04 17.41 -13.98
N VAL B 296 2.35 17.49 -13.71
CA VAL B 296 3.03 18.80 -13.72
C VAL B 296 2.98 19.51 -15.11
N SER B 297 3.02 18.75 -16.20
CA SER B 297 2.83 19.28 -17.55
C SER B 297 1.46 19.91 -17.76
N PHE B 298 0.47 19.46 -16.99
CA PHE B 298 -0.88 19.96 -17.14
C PHE B 298 -1.24 20.96 -16.07
N PHE B 299 -0.22 21.67 -15.58
CA PHE B 299 -0.38 22.71 -14.58
C PHE B 299 -1.42 23.81 -14.87
N PRO B 300 -1.69 24.12 -16.16
CA PRO B 300 -2.73 25.16 -16.34
C PRO B 300 -4.13 24.62 -16.03
N PHE B 301 -4.31 23.32 -16.06
CA PHE B 301 -5.59 22.69 -15.86
C PHE B 301 -5.72 21.88 -14.58
N ILE B 302 -4.60 21.44 -14.03
CA ILE B 302 -4.55 20.60 -12.86
C ILE B 302 -3.85 21.38 -11.74
N GLU B 303 -4.59 21.84 -10.78
CA GLU B 303 -4.02 22.79 -9.80
C GLU B 303 -2.85 22.17 -8.99
N GLN B 304 -2.93 20.88 -8.71
CA GLN B 304 -1.82 20.18 -8.05
C GLN B 304 -0.48 20.37 -8.81
N GLY B 305 -0.54 20.43 -10.13
CA GLY B 305 0.67 20.67 -10.93
C GLY B 305 1.26 22.07 -10.73
N ARG B 306 0.39 23.06 -10.60
CA ARG B 306 0.80 24.42 -10.22
C ARG B 306 1.40 24.44 -8.82
N ASP B 307 0.82 23.68 -7.90
CA ASP B 307 1.37 23.62 -6.53
C ASP B 307 2.72 22.89 -6.47
N ALA B 308 2.88 21.88 -7.33
CA ALA B 308 4.17 21.23 -7.52
C ALA B 308 5.25 22.19 -7.98
N ILE B 309 4.89 23.05 -8.92
CA ILE B 309 5.84 24.03 -9.43
C ILE B 309 6.19 25.07 -8.35
N GLY B 310 5.22 25.41 -7.51
CA GLY B 310 5.47 26.26 -6.35
C GLY B 310 6.45 25.62 -5.35
N LEU B 311 6.33 24.31 -5.16
CA LEU B 311 7.25 23.58 -4.28
C LEU B 311 8.65 23.52 -4.87
N ILE B 312 8.74 23.23 -6.16
CA ILE B 312 10.01 23.24 -6.86
C ILE B 312 10.68 24.61 -6.76
N GLY B 313 9.93 25.67 -7.04
CA GLY B 313 10.44 27.04 -6.87
C GLY B 313 10.92 27.32 -5.45
N TYR B 314 10.17 26.88 -4.44
CA TYR B 314 10.63 27.09 -3.07
C TYR B 314 11.98 26.41 -2.79
N VAL B 315 12.12 25.13 -3.13
CA VAL B 315 13.35 24.41 -2.79
C VAL B 315 14.60 25.00 -3.47
N LEU B 316 14.42 25.43 -4.71
CA LEU B 316 15.52 26.01 -5.46
C LEU B 316 15.89 27.41 -4.99
N ARG B 317 14.90 28.23 -4.67
CA ARG B 317 15.16 29.54 -4.06
C ARG B 317 15.87 29.35 -2.73
N LYS B 318 15.50 28.31 -1.98
CA LYS B 318 16.14 28.03 -0.70
C LYS B 318 17.62 27.64 -0.91
N VAL B 319 17.86 26.70 -1.80
CA VAL B 319 19.21 26.23 -1.99
C VAL B 319 20.10 27.25 -2.69
N PHE B 320 19.56 28.00 -3.66
CA PHE B 320 20.39 28.97 -4.39
C PHE B 320 20.62 30.22 -3.53
N TYR B 321 19.55 30.72 -2.92
CA TYR B 321 19.56 32.08 -2.39
C TYR B 321 19.44 32.15 -0.87
N GLY B 322 19.24 31.01 -0.22
CA GLY B 322 19.15 30.96 1.23
C GLY B 322 17.82 31.48 1.71
N LYS B 323 16.83 31.48 0.81
CA LYS B 323 15.46 31.98 0.99
C LYS B 323 14.52 31.09 1.82
N ALA C 41 3.31 10.74 33.75
CA ALA C 41 3.45 12.21 33.94
C ALA C 41 2.09 12.90 33.97
N SER C 42 1.90 13.83 34.90
CA SER C 42 0.72 14.68 34.92
C SER C 42 0.55 15.46 33.61
N VAL C 43 -0.69 15.82 33.30
CA VAL C 43 -0.97 16.82 32.27
C VAL C 43 -0.07 18.04 32.38
N GLU C 44 0.05 18.61 33.59
CA GLU C 44 0.97 19.73 33.88
C GLU C 44 2.37 19.51 33.34
N GLU C 45 2.95 18.37 33.70
CA GLU C 45 4.34 18.05 33.34
C GLU C 45 4.50 18.03 31.83
N ILE C 46 3.59 17.32 31.17
CA ILE C 46 3.61 17.17 29.72
C ILE C 46 3.52 18.52 29.00
N ARG C 47 2.61 19.38 29.49
CA ARG C 47 2.50 20.74 28.96
C ARG C 47 3.79 21.50 29.15
N SER C 48 4.38 21.37 30.34
CA SER C 48 5.60 22.09 30.67
C SER C 48 6.83 21.61 29.90
N LEU C 49 6.94 20.31 29.64
CA LEU C 49 8.04 19.78 28.81
C LEU C 49 8.00 20.28 27.37
N PHE C 50 6.81 20.28 26.78
CA PHE C 50 6.53 20.84 25.47
C PHE C 50 7.01 22.29 25.39
N LYS C 51 6.62 23.12 26.33
CA LYS C 51 6.98 24.53 26.38
C LYS C 51 8.50 24.74 26.51
N GLN C 52 9.14 23.95 27.38
CA GLN C 52 10.58 24.10 27.61
C GLN C 52 11.36 23.84 26.32
N PHE C 53 11.12 22.67 25.74
CA PHE C 53 11.61 22.35 24.40
C PHE C 53 11.52 23.54 23.45
N SER C 54 10.30 24.03 23.24
CA SER C 54 10.06 25.03 22.21
C SER C 54 10.77 26.34 22.53
N SER C 55 11.00 26.58 23.82
CA SER C 55 11.67 27.80 24.26
C SER C 55 13.11 27.91 23.76
N LEU C 56 13.64 26.81 23.24
CA LEU C 56 15.04 26.74 22.80
C LEU C 56 15.16 27.18 21.34
N THR C 57 14.07 27.08 20.60
CA THR C 57 14.06 27.40 19.18
C THR C 57 14.27 28.88 18.94
N PRO C 58 15.22 29.21 18.05
CA PRO C 58 15.30 30.58 17.55
C PRO C 58 14.00 30.98 16.85
N ARG C 59 13.58 32.21 17.09
CA ARG C 59 12.32 32.71 16.57
C ARG C 59 12.66 33.67 15.43
N GLU C 60 12.21 33.36 14.23
CA GLU C 60 12.44 34.28 13.12
C GLU C 60 11.80 35.61 13.42
N GLU C 61 12.42 36.68 13.00
CA GLU C 61 11.83 37.98 13.10
C GLU C 61 10.67 38.12 12.15
N VAL C 62 9.62 38.75 12.59
CA VAL C 62 8.52 39.14 11.74
C VAL C 62 8.36 40.66 11.79
N GLY C 63 7.25 41.16 11.25
CA GLY C 63 7.03 42.60 11.15
C GLY C 63 6.65 43.23 12.48
N LYS C 64 5.69 42.61 13.15
CA LYS C 64 4.99 43.23 14.27
C LYS C 64 4.14 42.14 14.93
N ILE C 65 4.13 42.11 16.25
CA ILE C 65 3.32 41.14 16.99
C ILE C 65 2.43 41.87 17.99
N GLU C 66 1.16 41.47 18.04
CA GLU C 66 0.17 42.11 18.90
C GLU C 66 -0.68 41.01 19.57
N ASP C 67 -0.73 41.00 20.90
CA ASP C 67 -1.65 40.09 21.61
C ASP C 67 -3.00 40.73 21.79
N ILE C 68 -4.05 40.00 21.42
CA ILE C 68 -5.41 40.50 21.53
C ILE C 68 -6.29 39.54 22.32
N THR C 69 -7.48 40.01 22.70
CA THR C 69 -8.49 39.16 23.30
C THR C 69 -9.72 39.19 22.40
N ILE C 70 -10.26 38.03 22.08
CA ILE C 70 -11.43 37.94 21.21
C ILE C 70 -12.64 37.59 22.09
N PRO C 71 -13.76 38.32 21.90
CA PRO C 71 -14.96 38.05 22.73
C PRO C 71 -15.68 36.77 22.29
N GLY C 72 -15.35 35.65 22.92
CA GLY C 72 -16.01 34.38 22.60
C GLY C 72 -17.41 34.27 23.19
N SER C 73 -18.17 33.29 22.69
CA SER C 73 -19.52 33.02 23.21
C SER C 73 -19.46 32.41 24.61
N GLU C 74 -18.34 31.78 24.94
CA GLU C 74 -18.24 31.09 26.24
C GLU C 74 -17.11 31.61 27.11
N THR C 75 -16.17 32.32 26.49
CA THR C 75 -14.98 32.76 27.20
C THR C 75 -14.25 33.85 26.43
N ASN C 76 -13.40 34.61 27.11
CA ASN C 76 -12.49 35.50 26.40
C ASN C 76 -11.33 34.70 25.83
N ILE C 77 -11.15 34.77 24.52
CA ILE C 77 -10.14 33.99 23.79
C ILE C 77 -8.89 34.81 23.48
N LYS C 78 -7.75 34.45 24.07
CA LYS C 78 -6.47 35.05 23.72
C LYS C 78 -6.00 34.65 22.31
N ALA C 79 -5.41 35.58 21.61
CA ALA C 79 -4.81 35.29 20.31
C ALA C 79 -3.59 36.16 20.12
N ARG C 80 -2.61 35.63 19.41
CA ARG C 80 -1.47 36.41 19.00
C ARG C 80 -1.49 36.68 17.51
N VAL C 81 -1.32 37.94 17.15
CA VAL C 81 -1.39 38.35 15.75
C VAL C 81 0.06 38.63 15.28
N TYR C 82 0.49 37.88 14.26
CA TYR C 82 1.79 38.09 13.63
C TYR C 82 1.62 38.79 12.29
N TYR C 83 2.26 39.93 12.14
CA TYR C 83 2.33 40.62 10.85
C TYR C 83 3.64 40.28 10.16
N PRO C 84 3.59 40.07 8.84
CA PRO C 84 4.83 39.87 8.09
C PRO C 84 5.61 41.18 7.91
N LYS C 85 6.77 41.08 7.30
CA LYS C 85 7.64 42.22 7.10
C LYS C 85 7.29 43.02 5.87
N THR C 86 6.35 42.56 5.08
CA THR C 86 5.89 43.26 3.88
C THR C 86 4.76 44.23 4.25
N GLN C 87 4.43 45.13 3.35
CA GLN C 87 3.32 46.05 3.49
C GLN C 87 1.99 45.38 3.18
N GLY C 88 0.91 45.81 3.80
CA GLY C 88 -0.41 45.29 3.50
C GLY C 88 -0.96 45.93 2.24
N PRO C 89 -2.24 45.68 1.91
CA PRO C 89 -3.15 44.80 2.67
C PRO C 89 -2.70 43.32 2.63
N TYR C 90 -3.34 42.49 3.46
CA TYR C 90 -2.88 41.13 3.70
C TYR C 90 -4.03 40.14 3.61
N GLY C 91 -3.70 38.87 3.41
CA GLY C 91 -4.57 37.77 3.79
C GLY C 91 -4.30 37.42 5.25
N VAL C 92 -5.28 36.79 5.88
CA VAL C 92 -5.18 36.47 7.28
C VAL C 92 -5.35 34.94 7.41
N LEU C 93 -4.36 34.30 8.04
CA LEU C 93 -4.47 32.88 8.39
C LEU C 93 -4.82 32.76 9.86
N VAL C 94 -6.00 32.21 10.14
CA VAL C 94 -6.30 31.86 11.53
C VAL C 94 -5.77 30.46 11.82
N TYR C 95 -4.87 30.35 12.80
CA TYR C 95 -4.11 29.13 13.00
C TYR C 95 -4.46 28.47 14.35
N TYR C 96 -4.68 27.16 14.32
CA TYR C 96 -4.96 26.40 15.54
C TYR C 96 -3.85 25.40 15.84
N HIS C 97 -3.14 25.59 16.95
CA HIS C 97 -1.99 24.74 17.26
C HIS C 97 -2.42 23.28 17.52
N GLY C 98 -1.50 22.35 17.30
CA GLY C 98 -1.76 20.95 17.68
C GLY C 98 -1.38 20.70 19.14
N GLY C 99 -1.33 19.42 19.52
CA GLY C 99 -1.10 19.02 20.91
C GLY C 99 -2.23 18.15 21.47
N GLY C 100 -2.94 17.45 20.58
CA GLY C 100 -3.92 16.43 21.00
C GLY C 100 -5.10 16.97 21.82
N PHE C 101 -5.42 18.25 21.64
CA PHE C 101 -6.47 18.94 22.41
C PHE C 101 -6.13 19.16 23.89
N VAL C 102 -4.89 18.82 24.28
CA VAL C 102 -4.51 18.80 25.71
C VAL C 102 -3.30 19.70 25.97
N LEU C 103 -2.36 19.73 25.03
CA LEU C 103 -1.08 20.42 25.16
C LEU C 103 -0.94 21.50 24.11
N GLY C 104 0.21 22.15 24.07
CA GLY C 104 0.42 23.28 23.17
C GLY C 104 -0.27 24.54 23.65
N ASP C 105 0.18 25.68 23.10
CA ASP C 105 -0.39 26.98 23.41
C ASP C 105 0.30 27.99 22.51
N ILE C 106 -0.09 29.25 22.62
CA ILE C 106 0.52 30.28 21.80
C ILE C 106 2.04 30.32 21.91
N GLU C 107 2.57 30.32 23.13
CA GLU C 107 4.01 30.48 23.29
C GLU C 107 4.79 29.31 22.68
N SER C 108 4.33 28.10 22.91
CA SER C 108 5.06 26.94 22.40
C SER C 108 4.98 26.83 20.85
N TYR C 109 3.92 27.41 20.27
CA TYR C 109 3.78 27.42 18.81
C TYR C 109 4.31 28.69 18.15
N ASP C 110 4.88 29.58 18.95
CA ASP C 110 5.31 30.90 18.47
C ASP C 110 6.40 30.81 17.38
N PRO C 111 7.38 29.90 17.56
CA PRO C 111 8.38 29.72 16.48
C PRO C 111 7.75 29.27 15.14
N LEU C 112 6.83 28.31 15.19
CA LEU C 112 6.18 27.84 13.97
C LEU C 112 5.33 28.94 13.34
N CYS C 113 4.55 29.64 14.15
CA CYS C 113 3.70 30.70 13.61
C CYS C 113 4.51 31.84 12.97
N ARG C 114 5.65 32.16 13.56
CA ARG C 114 6.56 33.13 12.91
C ARG C 114 7.01 32.63 11.52
N ALA C 115 7.44 31.37 11.47
CA ALA C 115 7.95 30.80 10.23
C ALA C 115 6.87 30.79 9.13
N ILE C 116 5.64 30.44 9.52
CA ILE C 116 4.50 30.44 8.59
C ILE C 116 4.19 31.86 8.11
N THR C 117 4.16 32.80 9.05
CA THR C 117 3.93 34.19 8.70
C THR C 117 4.90 34.69 7.61
N ASN C 118 6.19 34.43 7.81
CA ASN C 118 7.17 34.89 6.84
C ASN C 118 7.05 34.15 5.51
N SER C 119 6.74 32.87 5.58
CA SER C 119 6.69 32.06 4.37
C SER C 119 5.47 32.46 3.53
N CYS C 120 4.33 32.70 4.19
CA CYS C 120 3.07 33.08 3.50
C CYS C 120 2.95 34.59 3.25
N GLN C 121 3.79 35.38 3.90
CA GLN C 121 3.65 36.85 3.88
C GLN C 121 2.21 37.32 4.17
N CYS C 122 1.61 36.71 5.19
CA CYS C 122 0.24 37.02 5.55
C CYS C 122 0.18 37.25 7.05
N VAL C 123 -0.91 37.83 7.53
CA VAL C 123 -1.11 37.97 8.96
C VAL C 123 -1.47 36.59 9.48
N THR C 124 -0.84 36.16 10.56
CA THR C 124 -1.21 34.90 11.18
C THR C 124 -1.77 35.18 12.56
N ILE C 125 -2.93 34.59 12.84
CA ILE C 125 -3.54 34.76 14.16
C ILE C 125 -3.63 33.41 14.86
N SER C 126 -2.76 33.23 15.85
CA SER C 126 -2.68 31.97 16.55
C SER C 126 -3.60 31.97 17.75
N VAL C 127 -4.52 31.01 17.79
CA VAL C 127 -5.66 31.08 18.69
C VAL C 127 -5.38 30.22 19.91
N ASP C 128 -5.60 30.80 21.10
CA ASP C 128 -5.49 30.04 22.35
C ASP C 128 -6.85 29.43 22.78
N TYR C 129 -7.24 28.36 22.11
CA TYR C 129 -8.53 27.72 22.39
C TYR C 129 -8.42 26.93 23.70
N ARG C 130 -9.55 26.69 24.37
CA ARG C 130 -9.56 26.00 25.66
C ARG C 130 -9.07 24.55 25.51
N LEU C 131 -8.33 24.07 26.50
CA LEU C 131 -7.68 22.75 26.45
C LEU C 131 -8.37 21.74 27.38
N ALA C 132 -8.37 20.47 26.96
CA ALA C 132 -8.86 19.36 27.75
C ALA C 132 -7.73 18.85 28.61
N PRO C 133 -8.04 18.15 29.72
CA PRO C 133 -9.36 17.74 30.20
C PRO C 133 -10.14 18.81 31.00
N GLU C 134 -9.49 19.89 31.45
CA GLU C 134 -10.25 20.97 32.13
C GLU C 134 -11.51 21.34 31.32
N ASN C 135 -11.33 21.53 30.02
CA ASN C 135 -12.41 21.94 29.15
C ASN C 135 -12.63 20.87 28.09
N LYS C 136 -13.68 20.07 28.25
CA LYS C 136 -13.92 18.97 27.34
C LYS C 136 -14.50 19.47 26.03
N PHE C 137 -14.36 18.67 24.98
CA PHE C 137 -15.16 18.81 23.77
C PHE C 137 -16.61 19.21 24.14
N PRO C 138 -17.21 20.16 23.41
CA PRO C 138 -16.66 20.82 22.23
C PRO C 138 -16.00 22.19 22.51
N ALA C 139 -15.42 22.40 23.69
CA ALA C 139 -14.88 23.73 24.02
C ALA C 139 -13.80 24.23 23.01
N ALA C 140 -12.89 23.35 22.59
CA ALA C 140 -11.90 23.73 21.57
C ALA C 140 -12.57 24.21 20.28
N VAL C 141 -13.61 23.50 19.88
CA VAL C 141 -14.32 23.77 18.63
C VAL C 141 -15.09 25.09 18.74
N VAL C 142 -15.80 25.27 19.85
CA VAL C 142 -16.53 26.54 20.10
C VAL C 142 -15.58 27.74 19.99
N ASP C 143 -14.47 27.69 20.73
CA ASP C 143 -13.48 28.78 20.70
C ASP C 143 -12.90 29.01 19.29
N SER C 144 -12.57 27.92 18.62
CA SER C 144 -11.88 28.00 17.33
C SER C 144 -12.82 28.65 16.32
N PHE C 145 -14.08 28.27 16.36
CA PHE C 145 -15.04 28.86 15.43
C PHE C 145 -15.39 30.31 15.84
N ASP C 146 -15.59 30.56 17.14
CA ASP C 146 -15.83 31.93 17.64
C ASP C 146 -14.69 32.85 17.20
N ALA C 147 -13.45 32.40 17.39
CA ALA C 147 -12.29 33.20 16.95
C ALA C 147 -12.34 33.47 15.45
N LEU C 148 -12.59 32.46 14.66
CA LEU C 148 -12.70 32.61 13.21
C LEU C 148 -13.79 33.59 12.79
N LYS C 149 -14.95 33.43 13.34
CA LYS C 149 -16.06 34.31 13.00
C LYS C 149 -15.71 35.76 13.31
N TRP C 150 -15.12 35.98 14.46
CA TRP C 150 -14.79 37.35 14.88
C TRP C 150 -13.69 37.95 13.99
N VAL C 151 -12.67 37.16 13.67
CA VAL C 151 -11.64 37.62 12.75
C VAL C 151 -12.24 37.95 11.39
N TYR C 152 -13.08 37.07 10.89
CA TYR C 152 -13.73 37.29 9.58
C TYR C 152 -14.54 38.61 9.61
N ASN C 153 -15.22 38.84 10.73
CA ASN C 153 -16.06 40.03 10.87
C ASN C 153 -15.26 41.31 11.11
N ASN C 154 -14.02 41.14 11.58
CA ASN C 154 -13.18 42.26 11.98
C ASN C 154 -11.83 42.31 11.26
N SER C 155 -11.74 41.71 10.08
CA SER C 155 -10.45 41.59 9.38
C SER C 155 -9.80 42.92 9.02
N GLU C 156 -10.60 43.97 8.91
CA GLU C 156 -10.06 45.29 8.59
C GLU C 156 -9.13 45.83 9.67
N LYS C 157 -9.30 45.33 10.90
CA LYS C 157 -8.39 45.70 11.99
C LYS C 157 -6.97 45.26 11.70
N PHE C 158 -6.84 44.23 10.87
CA PHE C 158 -5.51 43.69 10.54
C PHE C 158 -5.08 44.07 9.13
N ASN C 159 -5.82 45.01 8.51
CA ASN C 159 -5.68 45.32 7.09
C ASN C 159 -5.86 44.06 6.24
N GLY C 160 -6.82 43.23 6.64
CA GLY C 160 -7.00 41.91 6.09
C GLY C 160 -7.91 41.86 4.87
N LYS C 161 -7.63 42.68 3.87
CA LYS C 161 -8.51 42.78 2.71
C LYS C 161 -8.46 41.63 1.73
N TYR C 162 -7.41 40.79 1.77
CA TYR C 162 -7.31 39.70 0.79
C TYR C 162 -7.98 38.41 1.22
N GLY C 163 -8.69 38.47 2.34
CA GLY C 163 -9.53 37.36 2.78
C GLY C 163 -8.92 36.49 3.88
N ILE C 164 -9.65 35.46 4.27
CA ILE C 164 -9.37 34.68 5.47
C ILE C 164 -9.19 33.20 5.10
N ALA C 165 -8.16 32.59 5.67
CA ALA C 165 -7.94 31.14 5.56
C ALA C 165 -7.86 30.55 6.97
N VAL C 166 -8.05 29.24 7.10
CA VAL C 166 -7.79 28.56 8.36
C VAL C 166 -6.68 27.52 8.19
N GLY C 167 -6.00 27.20 9.28
CA GLY C 167 -4.96 26.18 9.18
C GLY C 167 -4.67 25.65 10.55
N GLY C 168 -4.05 24.48 10.61
CA GLY C 168 -3.62 23.92 11.88
C GLY C 168 -2.94 22.58 11.67
N ASP C 169 -2.27 22.11 12.71
CA ASP C 169 -1.51 20.86 12.67
C ASP C 169 -2.10 19.84 13.64
N SER C 170 -2.22 18.61 13.19
CA SER C 170 -2.68 17.51 14.01
C SER C 170 -4.09 17.79 14.59
N ALA C 171 -4.25 17.84 15.89
CA ALA C 171 -5.51 18.28 16.52
C ALA C 171 -5.93 19.68 16.02
N GLY C 172 -4.97 20.53 15.75
CA GLY C 172 -5.32 21.85 15.19
C GLY C 172 -5.79 21.80 13.74
N GLY C 173 -5.32 20.79 13.00
CA GLY C 173 -5.82 20.53 11.67
C GLY C 173 -7.25 20.02 11.73
N ASN C 174 -7.54 19.22 12.76
CA ASN C 174 -8.93 18.89 13.08
C ASN C 174 -9.80 20.15 13.30
N LEU C 175 -9.34 21.05 14.16
CA LEU C 175 -10.10 22.28 14.46
C LEU C 175 -10.27 23.19 13.23
N ALA C 176 -9.22 23.27 12.40
CA ALA C 176 -9.30 24.04 11.17
C ALA C 176 -10.36 23.45 10.24
N ALA C 177 -10.32 22.13 10.05
CA ALA C 177 -11.32 21.45 9.22
C ALA C 177 -12.76 21.65 9.73
N VAL C 178 -12.95 21.47 11.04
CA VAL C 178 -14.25 21.66 11.68
C VAL C 178 -14.72 23.12 11.60
N THR C 179 -13.81 24.06 11.82
CA THR C 179 -14.13 25.49 11.66
C THR C 179 -14.62 25.80 10.24
N ALA C 180 -13.97 25.23 9.23
CA ALA C 180 -14.41 25.47 7.85
C ALA C 180 -15.82 24.93 7.61
N ILE C 181 -16.08 23.73 8.13
CA ILE C 181 -17.43 23.16 7.99
C ILE C 181 -18.46 24.06 8.66
N LEU C 182 -18.16 24.54 9.87
CA LEU C 182 -19.07 25.43 10.60
C LEU C 182 -19.30 26.76 9.87
N SER C 183 -18.25 27.26 9.23
CA SER C 183 -18.31 28.51 8.46
C SER C 183 -19.35 28.42 7.37
N LYS C 184 -19.37 27.28 6.69
CA LYS C 184 -20.17 27.09 5.49
C LYS C 184 -21.61 27.19 5.93
N LYS C 185 -21.86 26.70 7.13
CA LYS C 185 -23.20 26.69 7.68
C LYS C 185 -23.63 28.10 8.02
N GLU C 186 -22.67 28.98 8.24
CA GLU C 186 -22.88 30.33 8.73
C GLU C 186 -22.71 31.40 7.67
N ASN C 187 -22.57 30.98 6.43
CA ASN C 187 -22.32 31.89 5.33
C ASN C 187 -21.00 32.65 5.43
N ILE C 188 -20.01 32.08 6.10
CA ILE C 188 -18.69 32.70 6.14
C ILE C 188 -17.88 32.12 5.02
N LYS C 189 -17.29 32.99 4.20
CA LYS C 189 -16.65 32.52 2.99
C LYS C 189 -15.12 32.61 3.08
N LEU C 190 -14.50 31.48 3.37
CA LEU C 190 -13.04 31.38 3.57
C LEU C 190 -12.38 31.18 2.21
N LYS C 191 -11.15 31.69 2.07
CA LYS C 191 -10.34 31.48 0.89
C LYS C 191 -9.77 30.08 0.82
N TYR C 192 -9.34 29.53 1.96
CA TYR C 192 -8.46 28.34 1.90
C TYR C 192 -8.40 27.65 3.26
N GLN C 193 -8.10 26.35 3.26
CA GLN C 193 -7.83 25.65 4.53
C GLN C 193 -6.54 24.85 4.41
N VAL C 194 -5.65 25.00 5.39
CA VAL C 194 -4.40 24.27 5.36
C VAL C 194 -4.40 23.24 6.50
N LEU C 195 -4.48 21.97 6.14
CA LEU C 195 -4.65 20.92 7.15
C LEU C 195 -3.37 20.09 7.18
N ILE C 196 -2.63 20.24 8.24
CA ILE C 196 -1.35 19.61 8.44
C ILE C 196 -1.53 18.35 9.24
N TYR C 197 -1.33 17.21 8.61
CA TYR C 197 -1.57 15.88 9.21
C TYR C 197 -2.74 15.91 10.24
N PRO C 198 -3.92 16.28 9.75
CA PRO C 198 -5.10 16.45 10.58
C PRO C 198 -5.65 15.14 11.11
N ALA C 199 -6.28 15.18 12.27
CA ALA C 199 -7.12 14.08 12.74
C ALA C 199 -8.53 14.36 12.22
N VAL C 200 -9.11 13.43 11.48
CA VAL C 200 -10.42 13.70 10.86
C VAL C 200 -11.50 12.68 11.25
N SER C 201 -11.10 11.62 11.94
CA SER C 201 -12.04 10.53 12.27
C SER C 201 -11.51 9.70 13.42
N PHE C 202 -12.41 9.22 14.27
CA PHE C 202 -12.10 8.07 15.12
C PHE C 202 -11.79 6.88 14.22
N ASP C 203 -10.78 6.11 14.52
CA ASP C 203 -10.19 5.14 13.62
C ASP C 203 -9.73 3.90 14.35
N LEU C 204 -10.27 2.77 13.97
CA LEU C 204 -9.81 1.47 14.36
C LEU C 204 -9.51 0.56 13.16
N ILE C 205 -9.44 1.14 12.00
CA ILE C 205 -9.42 0.38 10.77
C ILE C 205 -8.36 0.67 9.74
N THR C 206 -7.82 1.87 9.69
CA THR C 206 -6.91 2.19 8.58
C THR C 206 -5.61 1.38 8.67
N LYS C 207 -5.08 1.00 7.51
CA LYS C 207 -3.77 0.33 7.45
C LYS C 207 -2.68 1.15 8.15
N SER C 208 -2.68 2.47 7.93
CA SER C 208 -1.64 3.32 8.50
C SER C 208 -1.70 3.31 10.03
N LEU C 209 -2.89 3.20 10.60
CA LEU C 209 -3.02 3.11 12.07
C LEU C 209 -2.24 1.91 12.63
N TYR C 210 -2.36 0.77 11.97
CA TYR C 210 -1.71 -0.43 12.47
C TYR C 210 -0.23 -0.48 12.08
N ASP C 211 0.10 -0.02 10.88
CA ASP C 211 1.49 -0.03 10.41
C ASP C 211 2.34 0.92 11.25
N ASN C 212 1.74 2.05 11.61
CA ASN C 212 2.51 3.20 12.12
C ASN C 212 2.20 3.50 13.58
N GLY C 213 1.43 2.63 14.21
CA GLY C 213 0.84 2.91 15.51
C GLY C 213 1.78 2.76 16.71
N GLU C 214 2.98 2.24 16.46
CA GLU C 214 4.04 2.23 17.48
C GLU C 214 5.37 2.63 16.86
N GLY C 215 6.24 3.27 17.63
CA GLY C 215 7.60 3.50 17.15
C GLY C 215 7.81 4.81 16.41
N PHE C 216 6.74 5.52 16.11
CA PHE C 216 6.84 6.77 15.38
C PHE C 216 6.28 8.02 16.11
N PHE C 217 6.65 8.20 17.38
CA PHE C 217 6.30 9.40 18.15
C PHE C 217 4.84 9.47 18.59
N LEU C 218 3.93 9.49 17.64
CA LEU C 218 2.53 9.45 17.99
C LEU C 218 2.06 8.01 17.92
N THR C 219 1.71 7.46 19.07
CA THR C 219 1.36 6.03 19.17
C THR C 219 -0.14 5.84 19.37
N ARG C 220 -0.59 4.60 19.27
CA ARG C 220 -1.97 4.24 19.64
C ARG C 220 -2.30 4.68 21.06
N GLU C 221 -1.38 4.46 22.00
CA GLU C 221 -1.62 4.82 23.38
C GLU C 221 -1.83 6.34 23.56
N HIS C 222 -1.08 7.14 22.81
CA HIS C 222 -1.29 8.59 22.81
C HIS C 222 -2.66 8.95 22.25
N ILE C 223 -2.98 8.40 21.09
CA ILE C 223 -4.26 8.67 20.43
C ILE C 223 -5.42 8.35 21.38
N ASP C 224 -5.33 7.19 22.04
CA ASP C 224 -6.37 6.74 22.97
C ASP C 224 -6.48 7.74 24.14
N TRP C 225 -5.33 8.09 24.72
CA TRP C 225 -5.29 8.96 25.88
C TRP C 225 -5.82 10.39 25.59
N PHE C 226 -5.30 11.04 24.54
CA PHE C 226 -5.89 12.34 24.10
C PHE C 226 -7.41 12.27 23.92
N GLY C 227 -7.88 11.19 23.29
CA GLY C 227 -9.31 11.03 23.04
C GLY C 227 -10.09 10.93 24.34
N GLN C 228 -9.57 10.14 25.30
CA GLN C 228 -10.15 10.09 26.64
C GLN C 228 -10.18 11.45 27.36
N GLN C 229 -9.09 12.20 27.30
CA GLN C 229 -9.03 13.54 27.91
C GLN C 229 -10.10 14.47 27.30
N TYR C 230 -10.26 14.39 25.99
CA TYR C 230 -11.02 15.40 25.22
C TYR C 230 -12.53 15.14 25.24
N LEU C 231 -12.93 13.90 24.94
CA LEU C 231 -14.34 13.62 24.71
C LEU C 231 -15.09 13.40 26.04
N ARG C 232 -16.41 13.61 26.01
CA ARG C 232 -17.25 13.45 27.19
C ARG C 232 -17.80 12.04 27.31
N SER C 233 -18.24 11.48 26.18
CA SER C 233 -18.86 10.15 26.17
C SER C 233 -18.67 9.53 24.77
N PHE C 234 -19.04 8.28 24.65
CA PHE C 234 -18.99 7.56 23.39
C PHE C 234 -19.83 8.23 22.32
N ALA C 235 -20.91 8.86 22.74
CA ALA C 235 -21.81 9.52 21.77
C ALA C 235 -21.07 10.59 20.96
N ASP C 236 -20.00 11.15 21.53
CA ASP C 236 -19.26 12.22 20.84
C ASP C 236 -18.58 11.68 19.56
N LEU C 237 -18.41 10.37 19.48
CA LEU C 237 -17.88 9.72 18.26
C LEU C 237 -18.78 9.89 17.03
N LEU C 238 -20.05 10.19 17.26
CA LEU C 238 -21.01 10.45 16.16
C LEU C 238 -20.98 11.91 15.68
N ASP C 239 -20.21 12.76 16.36
CA ASP C 239 -20.31 14.22 16.20
C ASP C 239 -19.28 14.69 15.16
N PHE C 240 -19.74 15.24 14.04
CA PHE C 240 -18.85 15.76 13.00
C PHE C 240 -17.82 16.77 13.52
N ARG C 241 -18.12 17.39 14.67
CA ARG C 241 -17.24 18.40 15.22
C ARG C 241 -16.02 17.75 15.86
N PHE C 242 -16.09 16.43 16.07
CA PHE C 242 -14.91 15.65 16.44
C PHE C 242 -14.32 14.91 15.24
N SER C 243 -15.19 14.27 14.45
CA SER C 243 -14.79 13.59 13.22
C SER C 243 -15.39 14.28 12.01
N PRO C 244 -14.66 15.26 11.45
CA PRO C 244 -15.22 16.05 10.37
C PRO C 244 -15.43 15.25 9.08
N ILE C 245 -14.81 14.08 8.97
CA ILE C 245 -15.07 13.20 7.83
C ILE C 245 -16.57 12.90 7.66
N LEU C 246 -17.29 12.89 8.79
CA LEU C 246 -18.74 12.61 8.81
C LEU C 246 -19.58 13.67 8.09
N ALA C 247 -19.06 14.90 8.05
CA ALA C 247 -19.83 16.01 7.48
C ALA C 247 -19.99 15.94 5.98
N ASP C 248 -21.00 16.63 5.47
CA ASP C 248 -21.11 16.97 4.06
C ASP C 248 -20.06 18.04 3.70
N LEU C 249 -19.12 17.68 2.83
CA LEU C 249 -17.96 18.55 2.56
C LEU C 249 -18.16 19.41 1.32
N ASN C 250 -19.40 19.50 0.85
CA ASN C 250 -19.70 20.32 -0.33
C ASN C 250 -19.47 21.78 -0.02
N ASP C 251 -18.90 22.52 -0.98
CA ASP C 251 -18.76 23.98 -0.87
C ASP C 251 -17.83 24.46 0.24
N LEU C 252 -16.89 23.60 0.66
CA LEU C 252 -15.85 24.03 1.57
C LEU C 252 -14.76 24.75 0.78
N PRO C 253 -13.90 25.53 1.47
CA PRO C 253 -12.83 26.19 0.74
C PRO C 253 -11.78 25.19 0.24
N PRO C 254 -11.08 25.54 -0.84
CA PRO C 254 -10.02 24.69 -1.36
C PRO C 254 -8.92 24.48 -0.31
N ALA C 255 -8.22 23.36 -0.41
CA ALA C 255 -7.41 22.86 0.70
C ALA C 255 -6.01 22.48 0.24
N LEU C 256 -5.06 22.58 1.16
CA LEU C 256 -3.81 21.87 1.07
C LEU C 256 -3.81 20.88 2.25
N ILE C 257 -3.59 19.60 1.96
CA ILE C 257 -3.59 18.62 3.01
C ILE C 257 -2.26 17.86 2.97
N ILE C 258 -1.53 18.00 4.05
CA ILE C 258 -0.21 17.41 4.13
C ILE C 258 -0.32 16.18 5.00
N THR C 259 0.12 15.03 4.48
CA THR C 259 0.23 13.86 5.34
C THR C 259 1.69 13.37 5.43
N ALA C 260 1.95 12.43 6.32
CA ALA C 260 3.31 11.96 6.56
C ALA C 260 3.30 10.44 6.37
N GLU C 261 4.30 9.90 5.67
CA GLU C 261 4.34 8.47 5.38
C GLU C 261 4.22 7.60 6.63
N HIS C 262 4.97 7.92 7.68
CA HIS C 262 5.03 7.06 8.87
C HIS C 262 4.14 7.58 10.01
N ASP C 263 2.92 7.96 9.66
CA ASP C 263 1.99 8.58 10.59
C ASP C 263 0.78 7.65 10.70
N PRO C 264 0.36 7.31 11.93
CA PRO C 264 -0.87 6.52 12.01
C PRO C 264 -2.08 7.27 11.42
N LEU C 265 -2.05 8.60 11.42
CA LEU C 265 -3.15 9.42 10.81
C LEU C 265 -3.09 9.58 9.30
N ARG C 266 -2.11 8.94 8.66
CA ARG C 266 -1.85 9.22 7.25
C ARG C 266 -3.08 8.91 6.40
N ASP C 267 -3.56 7.67 6.47
CA ASP C 267 -4.65 7.24 5.59
C ASP C 267 -5.91 8.10 5.74
N GLN C 268 -6.27 8.39 6.99
CA GLN C 268 -7.49 9.17 7.22
C GLN C 268 -7.37 10.61 6.71
N GLY C 269 -6.17 11.19 6.80
CA GLY C 269 -5.93 12.51 6.21
C GLY C 269 -6.11 12.49 4.69
N GLU C 270 -5.60 11.44 4.05
CA GLU C 270 -5.74 11.29 2.61
C GLU C 270 -7.19 10.98 2.21
N ALA C 271 -7.92 10.27 3.08
CA ALA C 271 -9.37 10.07 2.85
C ALA C 271 -10.11 11.40 2.84
N TYR C 272 -9.80 12.27 3.79
CA TYR C 272 -10.46 13.58 3.86
C TYR C 272 -10.26 14.35 2.55
N ALA C 273 -9.05 14.30 2.01
CA ALA C 273 -8.77 14.89 0.71
C ALA C 273 -9.67 14.28 -0.36
N ASN C 274 -9.74 12.96 -0.39
CA ASN C 274 -10.57 12.25 -1.38
C ASN C 274 -12.05 12.63 -1.28
N LYS C 275 -12.54 12.72 -0.05
CA LYS C 275 -13.95 13.08 0.16
C LYS C 275 -14.22 14.53 -0.25
N LEU C 276 -13.27 15.44 0.03
CA LEU C 276 -13.37 16.81 -0.46
C LEU C 276 -13.45 16.84 -1.98
N LEU C 277 -12.50 16.15 -2.65
CA LEU C 277 -12.51 16.05 -4.11
C LEU C 277 -13.85 15.52 -4.64
N GLN C 278 -14.32 14.42 -4.07
CA GLN C 278 -15.65 13.86 -4.37
C GLN C 278 -16.78 14.88 -4.22
N SER C 279 -16.62 15.79 -3.27
CA SER C 279 -17.65 16.81 -3.01
C SER C 279 -17.45 18.09 -3.82
N GLY C 280 -16.54 18.06 -4.78
CA GLY C 280 -16.37 19.18 -5.72
C GLY C 280 -15.38 20.25 -5.29
N VAL C 281 -14.65 20.00 -4.19
CA VAL C 281 -13.72 21.00 -3.64
C VAL C 281 -12.30 20.69 -4.15
N GLN C 282 -11.57 21.72 -4.58
CA GLN C 282 -10.19 21.55 -5.03
C GLN C 282 -9.23 21.30 -3.85
N VAL C 283 -8.48 20.23 -3.92
CA VAL C 283 -7.50 19.95 -2.88
C VAL C 283 -6.21 19.44 -3.46
N THR C 284 -5.11 19.98 -2.93
CA THR C 284 -3.81 19.43 -3.15
C THR C 284 -3.40 18.61 -1.93
N SER C 285 -3.33 17.30 -2.15
CA SER C 285 -3.06 16.36 -1.08
C SER C 285 -1.65 15.82 -1.30
N VAL C 286 -0.76 16.08 -0.35
CA VAL C 286 0.65 15.70 -0.54
C VAL C 286 1.11 14.89 0.65
N ARG C 287 1.60 13.69 0.37
CA ARG C 287 2.25 12.85 1.38
C ARG C 287 3.75 13.07 1.40
N PHE C 288 4.24 13.61 2.50
CA PHE C 288 5.68 13.72 2.70
C PHE C 288 6.24 12.37 3.15
N ASN C 289 7.08 11.79 2.33
CA ASN C 289 7.67 10.48 2.63
C ASN C 289 8.81 10.58 3.64
N ASN C 290 9.13 9.46 4.29
CA ASN C 290 10.27 9.35 5.18
C ASN C 290 10.15 10.16 6.47
N VAL C 291 8.97 10.73 6.75
CA VAL C 291 8.80 11.50 7.98
C VAL C 291 7.62 11.02 8.84
N ILE C 292 7.53 11.57 10.04
CA ILE C 292 6.59 11.09 11.04
C ILE C 292 5.55 12.19 11.30
N HIS C 293 4.46 11.83 11.96
CA HIS C 293 3.54 12.81 12.52
C HIS C 293 4.31 13.88 13.30
N GLY C 294 3.93 15.15 13.10
CA GLY C 294 4.57 16.26 13.82
C GLY C 294 5.80 16.85 13.17
N PHE C 295 6.19 16.34 12.00
CA PHE C 295 7.46 16.74 11.39
C PHE C 295 7.55 18.23 11.03
N VAL C 296 6.40 18.89 10.83
CA VAL C 296 6.44 20.31 10.50
C VAL C 296 6.87 21.14 11.72
N SER C 297 6.51 20.69 12.93
CA SER C 297 6.98 21.32 14.17
C SER C 297 8.50 21.24 14.33
N PHE C 298 9.11 20.23 13.70
CA PHE C 298 10.54 20.03 13.82
C PHE C 298 11.32 20.70 12.69
N PHE C 299 10.70 21.68 12.04
CA PHE C 299 11.32 22.35 10.88
C PHE C 299 12.76 22.88 11.08
N PRO C 300 13.13 23.28 12.31
CA PRO C 300 14.53 23.71 12.49
C PRO C 300 15.55 22.59 12.25
N PHE C 301 15.15 21.33 12.42
CA PHE C 301 16.10 20.22 12.24
C PHE C 301 15.75 19.20 11.17
N ILE C 302 14.49 19.16 10.78
CA ILE C 302 14.02 18.23 9.75
C ILE C 302 13.70 19.03 8.47
N GLU C 303 14.59 18.94 7.48
CA GLU C 303 14.53 19.79 6.30
C GLU C 303 13.16 19.66 5.61
N GLN C 304 12.60 18.46 5.61
CA GLN C 304 11.26 18.26 4.98
C GLN C 304 10.20 19.14 5.63
N GLY C 305 10.35 19.40 6.93
CA GLY C 305 9.46 20.30 7.65
C GLY C 305 9.53 21.72 7.11
N ARG C 306 10.76 22.19 6.92
CA ARG C 306 11.00 23.49 6.30
C ARG C 306 10.42 23.53 4.86
N ASP C 307 10.59 22.45 4.12
CA ASP C 307 10.04 22.40 2.76
C ASP C 307 8.48 22.43 2.75
N ALA C 308 7.87 21.76 3.72
CA ALA C 308 6.41 21.81 3.90
C ALA C 308 5.93 23.24 4.19
N ILE C 309 6.68 23.95 5.03
CA ILE C 309 6.36 25.36 5.30
C ILE C 309 6.49 26.23 4.03
N GLY C 310 7.49 25.92 3.21
CA GLY C 310 7.64 26.56 1.91
C GLY C 310 6.44 26.32 1.00
N LEU C 311 5.91 25.10 1.04
CA LEU C 311 4.72 24.75 0.24
C LEU C 311 3.48 25.45 0.78
N ILE C 312 3.31 25.46 2.10
CA ILE C 312 2.24 26.22 2.71
C ILE C 312 2.31 27.68 2.30
N GLY C 313 3.52 28.25 2.30
CA GLY C 313 3.68 29.67 1.95
C GLY C 313 3.27 29.91 0.51
N TYR C 314 3.67 29.01 -0.37
CA TYR C 314 3.38 29.17 -1.77
C TYR C 314 1.87 29.16 -2.03
N VAL C 315 1.14 28.19 -1.45
CA VAL C 315 -0.28 28.09 -1.76
C VAL C 315 -1.06 29.28 -1.20
N LEU C 316 -0.64 29.80 -0.04
CA LEU C 316 -1.40 30.91 0.55
C LEU C 316 -1.08 32.24 -0.17
N ARG C 317 0.18 32.43 -0.56
CA ARG C 317 0.54 33.58 -1.39
C ARG C 317 -0.22 33.55 -2.72
N LYS C 318 -0.32 32.38 -3.32
CA LYS C 318 -1.12 32.20 -4.54
C LYS C 318 -2.60 32.55 -4.32
N VAL C 319 -3.21 32.00 -3.29
CA VAL C 319 -4.64 32.22 -3.11
C VAL C 319 -4.98 33.65 -2.65
N PHE C 320 -4.13 34.23 -1.81
CA PHE C 320 -4.40 35.58 -1.32
C PHE C 320 -4.04 36.62 -2.39
N TYR C 321 -2.84 36.49 -2.97
CA TYR C 321 -2.24 37.57 -3.73
C TYR C 321 -2.13 37.32 -5.24
N GLY C 322 -2.44 36.11 -5.68
CA GLY C 322 -2.23 35.73 -7.07
C GLY C 322 -0.76 35.58 -7.40
N LYS C 323 0.07 35.49 -6.35
CA LYS C 323 1.50 35.23 -6.42
C LYS C 323 1.81 33.75 -6.36
N ALA D 41 -35.13 -1.27 -10.49
CA ALA D 41 -34.91 -2.63 -9.88
C ALA D 41 -35.24 -2.61 -8.39
N SER D 42 -36.30 -3.32 -8.01
CA SER D 42 -36.78 -3.30 -6.64
C SER D 42 -36.09 -4.38 -5.80
N VAL D 43 -36.25 -4.31 -4.48
CA VAL D 43 -35.64 -5.29 -3.57
C VAL D 43 -36.01 -6.72 -3.94
N GLU D 44 -37.30 -6.96 -4.18
CA GLU D 44 -37.81 -8.30 -4.49
C GLU D 44 -37.24 -8.86 -5.80
N GLU D 45 -36.86 -7.94 -6.67
CA GLU D 45 -36.38 -8.18 -8.01
C GLU D 45 -34.94 -8.62 -7.94
N ILE D 46 -34.14 -7.78 -7.34
CA ILE D 46 -32.71 -8.05 -7.17
C ILE D 46 -32.44 -9.28 -6.29
N ARG D 47 -33.37 -9.59 -5.38
CA ARG D 47 -33.32 -10.87 -4.68
C ARG D 47 -33.50 -12.02 -5.67
N SER D 48 -34.35 -11.80 -6.66
CA SER D 48 -34.77 -12.88 -7.54
C SER D 48 -33.69 -13.22 -8.57
N LEU D 49 -33.01 -12.18 -9.06
CA LEU D 49 -31.89 -12.33 -9.99
C LEU D 49 -30.71 -13.06 -9.37
N PHE D 50 -30.41 -12.71 -8.12
CA PHE D 50 -29.49 -13.50 -7.28
C PHE D 50 -29.87 -14.98 -7.24
N LYS D 51 -31.06 -15.28 -6.73
CA LYS D 51 -31.62 -16.63 -6.75
C LYS D 51 -31.43 -17.33 -8.09
N GLN D 52 -31.82 -16.66 -9.18
CA GLN D 52 -31.91 -17.28 -10.50
C GLN D 52 -30.52 -17.67 -11.02
N PHE D 53 -29.56 -16.78 -10.88
CA PHE D 53 -28.22 -17.08 -11.32
C PHE D 53 -27.62 -18.26 -10.55
N SER D 54 -27.83 -18.25 -9.26
CA SER D 54 -27.31 -19.33 -8.42
C SER D 54 -27.98 -20.66 -8.76
N SER D 55 -29.17 -20.59 -9.36
CA SER D 55 -29.95 -21.78 -9.70
C SER D 55 -29.26 -22.67 -10.74
N LEU D 56 -28.38 -22.06 -11.53
CA LEU D 56 -27.77 -22.72 -12.69
C LEU D 56 -26.46 -23.39 -12.32
N THR D 57 -26.05 -23.23 -11.07
CA THR D 57 -24.77 -23.77 -10.60
C THR D 57 -24.94 -25.22 -10.24
N PRO D 58 -24.08 -26.09 -10.82
CA PRO D 58 -24.06 -27.49 -10.40
C PRO D 58 -23.82 -27.62 -8.90
N ARG D 59 -24.60 -28.49 -8.25
CA ARG D 59 -24.50 -28.66 -6.82
C ARG D 59 -23.72 -29.94 -6.51
N GLU D 60 -22.76 -29.85 -5.59
CA GLU D 60 -22.04 -31.02 -5.14
C GLU D 60 -22.93 -31.88 -4.26
N GLU D 61 -22.88 -33.17 -4.49
CA GLU D 61 -23.49 -34.11 -3.62
C GLU D 61 -22.87 -34.02 -2.24
N VAL D 62 -23.67 -34.08 -1.21
CA VAL D 62 -23.20 -34.24 0.17
C VAL D 62 -23.76 -35.53 0.78
N GLY D 63 -23.50 -35.76 2.06
CA GLY D 63 -24.01 -36.95 2.73
C GLY D 63 -25.53 -36.99 2.76
N LYS D 64 -26.13 -36.04 3.47
CA LYS D 64 -27.56 -35.88 3.61
C LYS D 64 -27.86 -34.43 3.99
N ILE D 65 -29.05 -33.97 3.66
CA ILE D 65 -29.50 -32.61 3.93
C ILE D 65 -30.81 -32.67 4.73
N GLU D 66 -30.90 -31.93 5.82
CA GLU D 66 -32.14 -31.79 6.57
C GLU D 66 -32.49 -30.32 6.81
N ASP D 67 -33.71 -29.94 6.43
CA ASP D 67 -34.25 -28.64 6.81
C ASP D 67 -34.91 -28.66 8.18
N ILE D 68 -34.59 -27.64 8.97
CA ILE D 68 -35.08 -27.54 10.34
C ILE D 68 -35.55 -26.10 10.59
N THR D 69 -36.31 -25.92 11.67
CA THR D 69 -36.84 -24.61 12.03
C THR D 69 -36.48 -24.42 13.50
N ILE D 70 -35.61 -23.46 13.77
CA ILE D 70 -35.11 -23.20 15.13
C ILE D 70 -36.05 -22.19 15.80
N PRO D 71 -36.39 -22.43 17.07
CA PRO D 71 -37.29 -21.49 17.74
C PRO D 71 -36.53 -20.25 18.23
N GLY D 72 -36.58 -19.18 17.46
CA GLY D 72 -35.87 -17.95 17.84
C GLY D 72 -36.65 -17.13 18.86
N SER D 73 -35.97 -16.15 19.45
CA SER D 73 -36.56 -15.27 20.44
C SER D 73 -37.59 -14.35 19.80
N GLU D 74 -37.43 -14.07 18.51
CA GLU D 74 -38.33 -13.12 17.83
C GLU D 74 -39.04 -13.73 16.63
N THR D 75 -38.60 -14.92 16.22
CA THR D 75 -39.10 -15.53 14.99
C THR D 75 -38.70 -17.01 14.91
N ASN D 76 -39.37 -17.75 14.05
CA ASN D 76 -38.95 -19.10 13.70
C ASN D 76 -37.91 -18.99 12.61
N ILE D 77 -36.75 -19.59 12.86
CA ILE D 77 -35.61 -19.47 11.98
C ILE D 77 -35.35 -20.72 11.16
N LYS D 78 -35.62 -20.68 9.87
CA LYS D 78 -35.23 -21.75 8.98
C LYS D 78 -33.69 -21.93 8.89
N ALA D 79 -33.24 -23.16 9.00
CA ALA D 79 -31.86 -23.52 8.76
C ALA D 79 -31.78 -24.80 7.93
N ARG D 80 -30.81 -24.88 7.05
CA ARG D 80 -30.51 -26.13 6.33
C ARG D 80 -29.24 -26.79 6.84
N VAL D 81 -29.34 -28.06 7.20
CA VAL D 81 -28.26 -28.80 7.85
C VAL D 81 -27.64 -29.76 6.81
N TYR D 82 -26.35 -29.54 6.50
CA TYR D 82 -25.63 -30.37 5.52
C TYR D 82 -24.69 -31.31 6.24
N TYR D 83 -24.87 -32.60 5.99
CA TYR D 83 -23.97 -33.62 6.50
C TYR D 83 -22.99 -33.99 5.41
N PRO D 84 -21.71 -34.13 5.77
CA PRO D 84 -20.70 -34.59 4.80
C PRO D 84 -20.85 -36.09 4.52
N LYS D 85 -20.12 -36.61 3.55
CA LYS D 85 -20.17 -38.02 3.22
C LYS D 85 -19.40 -38.90 4.15
N THR D 86 -18.62 -38.34 5.01
CA THR D 86 -17.90 -39.10 6.01
C THR D 86 -18.86 -39.41 7.15
N GLN D 87 -18.43 -40.23 8.09
CA GLN D 87 -19.26 -40.55 9.24
C GLN D 87 -18.80 -39.86 10.51
N GLY D 88 -19.73 -39.68 11.44
CA GLY D 88 -19.49 -38.87 12.64
C GLY D 88 -18.57 -39.56 13.63
N PRO D 89 -18.39 -38.93 14.80
CA PRO D 89 -18.96 -37.61 15.10
C PRO D 89 -18.29 -36.44 14.33
N TYR D 90 -18.89 -35.26 14.43
CA TYR D 90 -18.54 -34.12 13.57
C TYR D 90 -18.22 -32.88 14.42
N GLY D 91 -17.53 -31.92 13.79
CA GLY D 91 -17.65 -30.53 14.23
C GLY D 91 -18.78 -29.91 13.45
N VAL D 92 -19.34 -28.81 13.95
CA VAL D 92 -20.47 -28.17 13.29
C VAL D 92 -20.08 -26.73 12.95
N LEU D 93 -20.28 -26.35 11.71
CA LEU D 93 -20.07 -24.97 11.28
C LEU D 93 -21.43 -24.31 11.12
N VAL D 94 -21.69 -23.30 11.93
CA VAL D 94 -22.87 -22.46 11.71
C VAL D 94 -22.52 -21.32 10.75
N TYR D 95 -23.20 -21.28 9.62
CA TYR D 95 -22.82 -20.41 8.50
C TYR D 95 -23.91 -19.37 8.23
N TYR D 96 -23.48 -18.13 8.00
CA TYR D 96 -24.37 -17.01 7.71
C TYR D 96 -24.06 -16.46 6.33
N HIS D 97 -25.04 -16.49 5.42
CA HIS D 97 -24.81 -16.07 4.06
C HIS D 97 -24.60 -14.57 3.98
N GLY D 98 -23.88 -14.11 2.96
CA GLY D 98 -23.78 -12.69 2.67
C GLY D 98 -24.93 -12.21 1.81
N GLY D 99 -24.80 -10.97 1.30
CA GLY D 99 -25.84 -10.34 0.50
C GLY D 99 -26.26 -8.98 1.04
N GLY D 100 -25.38 -8.35 1.81
CA GLY D 100 -25.60 -7.01 2.34
C GLY D 100 -26.71 -6.81 3.36
N PHE D 101 -27.09 -7.90 4.05
CA PHE D 101 -28.23 -7.92 4.97
C PHE D 101 -29.59 -7.83 4.28
N VAL D 102 -29.59 -7.83 2.96
CA VAL D 102 -30.77 -7.55 2.17
C VAL D 102 -31.14 -8.66 1.22
N LEU D 103 -30.14 -9.27 0.60
CA LEU D 103 -30.33 -10.41 -0.24
C LEU D 103 -29.63 -11.68 0.21
N GLY D 104 -29.66 -12.67 -0.66
CA GLY D 104 -29.23 -14.01 -0.35
C GLY D 104 -30.19 -14.79 0.53
N ASP D 105 -30.05 -16.10 0.56
CA ASP D 105 -30.90 -16.94 1.38
C ASP D 105 -30.35 -18.36 1.33
N ILE D 106 -31.03 -19.29 1.99
CA ILE D 106 -30.58 -20.67 2.00
C ILE D 106 -30.40 -21.26 0.60
N GLU D 107 -31.38 -21.07 -0.27
CA GLU D 107 -31.37 -21.70 -1.59
C GLU D 107 -30.23 -21.15 -2.45
N SER D 108 -30.11 -19.82 -2.50
CA SER D 108 -29.09 -19.18 -3.31
C SER D 108 -27.67 -19.49 -2.84
N TYR D 109 -27.52 -19.80 -1.54
CA TYR D 109 -26.21 -20.14 -1.00
C TYR D 109 -25.98 -21.65 -0.96
N ASP D 110 -26.97 -22.40 -1.44
CA ASP D 110 -26.94 -23.85 -1.33
C ASP D 110 -25.71 -24.47 -2.02
N PRO D 111 -25.34 -23.96 -3.20
CA PRO D 111 -24.14 -24.54 -3.82
C PRO D 111 -22.87 -24.30 -3.00
N LEU D 112 -22.68 -23.10 -2.46
CA LEU D 112 -21.50 -22.82 -1.64
C LEU D 112 -21.49 -23.67 -0.38
N CYS D 113 -22.63 -23.79 0.30
CA CYS D 113 -22.62 -24.50 1.57
C CYS D 113 -22.36 -26.00 1.33
N ARG D 114 -22.88 -26.54 0.24
CA ARG D 114 -22.48 -27.92 -0.15
C ARG D 114 -20.94 -28.01 -0.33
N ALA D 115 -20.38 -27.11 -1.12
CA ALA D 115 -18.93 -27.08 -1.33
C ALA D 115 -18.14 -27.01 -0.03
N ILE D 116 -18.60 -26.16 0.89
CA ILE D 116 -17.94 -26.00 2.18
C ILE D 116 -18.06 -27.27 3.00
N THR D 117 -19.25 -27.85 3.05
CA THR D 117 -19.46 -29.09 3.79
C THR D 117 -18.46 -30.19 3.38
N ASN D 118 -18.30 -30.40 2.07
CA ASN D 118 -17.39 -31.42 1.56
C ASN D 118 -15.93 -31.09 1.84
N SER D 119 -15.59 -29.80 1.76
CA SER D 119 -14.23 -29.37 2.04
C SER D 119 -13.86 -29.53 3.53
N CYS D 120 -14.75 -29.10 4.44
CA CYS D 120 -14.45 -29.15 5.89
C CYS D 120 -14.75 -30.52 6.48
N GLN D 121 -15.51 -31.35 5.76
CA GLN D 121 -15.99 -32.64 6.30
C GLN D 121 -16.67 -32.48 7.66
N CYS D 122 -17.58 -31.53 7.71
CA CYS D 122 -18.19 -31.12 8.95
C CYS D 122 -19.68 -30.83 8.67
N VAL D 123 -20.52 -30.89 9.71
CA VAL D 123 -21.90 -30.52 9.50
C VAL D 123 -21.96 -29.00 9.34
N THR D 124 -22.61 -28.53 8.28
CA THR D 124 -22.77 -27.09 8.03
C THR D 124 -24.23 -26.73 8.16
N ILE D 125 -24.53 -25.73 8.97
CA ILE D 125 -25.90 -25.29 9.17
C ILE D 125 -26.06 -23.87 8.63
N SER D 126 -26.66 -23.76 7.46
CA SER D 126 -26.89 -22.46 6.83
C SER D 126 -28.16 -21.81 7.41
N VAL D 127 -28.00 -20.60 7.98
CA VAL D 127 -29.07 -19.94 8.72
C VAL D 127 -29.84 -18.91 7.87
N ASP D 128 -31.17 -19.03 7.87
CA ASP D 128 -31.99 -18.07 7.15
C ASP D 128 -32.40 -16.90 8.07
N TYR D 129 -31.47 -16.01 8.37
CA TYR D 129 -31.76 -14.87 9.25
C TYR D 129 -32.65 -13.85 8.54
N ARG D 130 -33.43 -13.11 9.31
CA ARG D 130 -34.33 -12.08 8.75
C ARG D 130 -33.61 -11.00 7.96
N LEU D 131 -34.17 -10.64 6.80
CA LEU D 131 -33.56 -9.67 5.91
C LEU D 131 -34.11 -8.27 6.10
N ALA D 132 -33.30 -7.27 5.75
CA ALA D 132 -33.72 -5.86 5.64
C ALA D 132 -34.12 -5.60 4.18
N PRO D 133 -34.93 -4.55 3.91
CA PRO D 133 -35.47 -3.50 4.79
C PRO D 133 -36.70 -3.90 5.62
N GLU D 134 -37.25 -5.09 5.37
CA GLU D 134 -38.45 -5.51 6.11
C GLU D 134 -38.16 -5.67 7.58
N ASN D 135 -37.01 -6.27 7.89
CA ASN D 135 -36.56 -6.48 9.27
C ASN D 135 -35.23 -5.76 9.50
N LYS D 136 -35.27 -4.60 10.16
CA LYS D 136 -34.06 -3.80 10.37
C LYS D 136 -33.14 -4.41 11.42
N PHE D 137 -31.86 -4.05 11.36
CA PHE D 137 -30.95 -4.20 12.50
C PHE D 137 -31.71 -3.93 13.80
N PRO D 138 -31.50 -4.78 14.82
CA PRO D 138 -30.58 -5.89 14.88
C PRO D 138 -31.23 -7.26 14.57
N ALA D 139 -32.27 -7.30 13.75
CA ALA D 139 -32.95 -8.59 13.49
C ALA D 139 -32.00 -9.71 13.02
N ALA D 140 -31.19 -9.43 11.99
CA ALA D 140 -30.22 -10.42 11.47
C ALA D 140 -29.31 -10.95 12.58
N VAL D 141 -28.84 -10.03 13.42
CA VAL D 141 -27.98 -10.38 14.53
C VAL D 141 -28.69 -11.24 15.58
N VAL D 142 -29.90 -10.82 15.96
CA VAL D 142 -30.70 -11.58 16.91
C VAL D 142 -30.89 -13.03 16.40
N ASP D 143 -31.34 -13.16 15.16
CA ASP D 143 -31.52 -14.48 14.57
C ASP D 143 -30.21 -15.30 14.54
N SER D 144 -29.11 -14.64 14.19
CA SER D 144 -27.84 -15.33 14.03
C SER D 144 -27.37 -15.88 15.36
N PHE D 145 -27.50 -15.06 16.40
CA PHE D 145 -27.05 -15.48 17.73
C PHE D 145 -28.02 -16.54 18.33
N ASP D 146 -29.33 -16.37 18.07
CA ASP D 146 -30.33 -17.35 18.55
C ASP D 146 -30.09 -18.71 17.90
N ALA D 147 -29.83 -18.70 16.59
CA ALA D 147 -29.48 -19.95 15.90
C ALA D 147 -28.23 -20.59 16.48
N LEU D 148 -27.20 -19.79 16.74
CA LEU D 148 -25.97 -20.36 17.24
C LEU D 148 -26.15 -20.93 18.64
N LYS D 149 -26.85 -20.20 19.49
CA LYS D 149 -27.13 -20.65 20.80
C LYS D 149 -27.90 -21.98 20.79
N TRP D 150 -28.93 -22.07 19.97
CA TRP D 150 -29.73 -23.29 19.88
C TRP D 150 -28.91 -24.51 19.37
N VAL D 151 -28.11 -24.28 18.34
CA VAL D 151 -27.23 -25.34 17.82
C VAL D 151 -26.28 -25.83 18.90
N TYR D 152 -25.66 -24.87 19.57
CA TYR D 152 -24.74 -25.19 20.66
C TYR D 152 -25.41 -26.03 21.75
N ASN D 153 -26.60 -25.62 22.17
CA ASN D 153 -27.34 -26.36 23.20
C ASN D 153 -27.91 -27.68 22.70
N ASN D 154 -27.96 -27.85 21.38
CA ASN D 154 -28.52 -29.07 20.80
C ASN D 154 -27.54 -29.88 19.95
N SER D 155 -26.26 -29.80 20.27
CA SER D 155 -25.24 -30.29 19.38
C SER D 155 -25.38 -31.76 19.12
N GLU D 156 -25.99 -32.49 20.04
CA GLU D 156 -26.31 -33.91 19.88
C GLU D 156 -27.18 -34.30 18.69
N LYS D 157 -28.11 -33.45 18.27
CA LYS D 157 -28.94 -33.76 17.12
C LYS D 157 -28.12 -33.91 15.86
N PHE D 158 -26.91 -33.38 15.89
CA PHE D 158 -26.01 -33.39 14.72
C PHE D 158 -24.81 -34.30 14.93
N ASN D 159 -24.78 -35.02 16.05
CA ASN D 159 -23.58 -35.74 16.46
C ASN D 159 -22.36 -34.80 16.48
N GLY D 160 -22.56 -33.58 16.96
CA GLY D 160 -21.50 -32.56 16.96
C GLY D 160 -20.56 -32.53 18.17
N LYS D 161 -19.98 -33.68 18.53
CA LYS D 161 -19.09 -33.78 19.69
C LYS D 161 -17.81 -32.94 19.61
N TYR D 162 -17.33 -32.68 18.40
CA TYR D 162 -16.05 -32.01 18.24
C TYR D 162 -16.16 -30.48 18.35
N GLY D 163 -17.38 -29.99 18.58
CA GLY D 163 -17.59 -28.58 18.90
C GLY D 163 -18.20 -27.77 17.75
N ILE D 164 -18.33 -26.46 17.98
CA ILE D 164 -19.10 -25.58 17.10
C ILE D 164 -18.19 -24.42 16.64
N ALA D 165 -18.30 -24.07 15.38
CA ALA D 165 -17.65 -22.88 14.84
C ALA D 165 -18.69 -22.02 14.12
N VAL D 166 -18.34 -20.77 13.83
CA VAL D 166 -19.18 -19.86 13.03
C VAL D 166 -18.41 -19.41 11.82
N GLY D 167 -19.13 -19.17 10.72
CA GLY D 167 -18.47 -18.64 9.54
C GLY D 167 -19.48 -17.86 8.74
N GLY D 168 -18.99 -17.03 7.83
CA GLY D 168 -19.86 -16.30 6.92
C GLY D 168 -19.11 -15.38 6.00
N ASP D 169 -19.75 -14.97 4.91
CA ASP D 169 -19.08 -14.14 3.92
C ASP D 169 -19.72 -12.76 3.88
N SER D 170 -18.90 -11.72 3.82
CA SER D 170 -19.38 -10.35 3.61
C SER D 170 -20.23 -9.90 4.81
N ALA D 171 -21.49 -9.53 4.56
CA ALA D 171 -22.47 -9.29 5.64
C ALA D 171 -22.62 -10.50 6.58
N GLY D 172 -22.46 -11.69 6.02
CA GLY D 172 -22.47 -12.92 6.80
C GLY D 172 -21.22 -13.08 7.66
N GLY D 173 -20.10 -12.52 7.23
CA GLY D 173 -18.88 -12.53 8.02
C GLY D 173 -18.99 -11.56 9.16
N ASN D 174 -19.68 -10.46 8.91
CA ASN D 174 -20.11 -9.54 9.97
C ASN D 174 -20.92 -10.28 11.03
N LEU D 175 -21.94 -11.01 10.57
CA LEU D 175 -22.78 -11.76 11.49
C LEU D 175 -22.01 -12.81 12.26
N ALA D 176 -21.11 -13.53 11.58
CA ALA D 176 -20.34 -14.55 12.29
C ALA D 176 -19.50 -13.86 13.37
N ALA D 177 -18.85 -12.76 13.03
CA ALA D 177 -17.95 -12.08 13.97
C ALA D 177 -18.76 -11.58 15.16
N VAL D 178 -19.92 -10.99 14.88
CA VAL D 178 -20.77 -10.49 15.96
C VAL D 178 -21.30 -11.62 16.85
N THR D 179 -21.68 -12.72 16.22
CA THR D 179 -22.14 -13.90 16.95
C THR D 179 -21.06 -14.43 17.89
N ALA D 180 -19.80 -14.40 17.44
CA ALA D 180 -18.70 -14.87 18.29
C ALA D 180 -18.50 -13.96 19.50
N ILE D 181 -18.61 -12.66 19.27
CA ILE D 181 -18.52 -11.69 20.38
C ILE D 181 -19.66 -11.92 21.39
N LEU D 182 -20.88 -12.08 20.91
CA LEU D 182 -22.02 -12.31 21.79
C LEU D 182 -21.89 -13.63 22.56
N SER D 183 -21.30 -14.62 21.92
CA SER D 183 -21.06 -15.92 22.55
C SER D 183 -20.17 -15.82 23.77
N LYS D 184 -19.12 -15.02 23.65
CA LYS D 184 -18.12 -14.90 24.67
C LYS D 184 -18.78 -14.27 25.88
N LYS D 185 -19.67 -13.31 25.60
CA LYS D 185 -20.41 -12.63 26.66
C LYS D 185 -21.30 -13.58 27.47
N GLU D 186 -21.73 -14.66 26.86
CA GLU D 186 -22.57 -15.65 27.52
C GLU D 186 -21.88 -16.96 27.77
N ASN D 187 -20.58 -16.96 27.78
CA ASN D 187 -19.83 -18.16 28.05
C ASN D 187 -20.03 -19.37 27.14
N ILE D 188 -20.36 -19.13 25.89
CA ILE D 188 -20.47 -20.15 24.91
C ILE D 188 -19.13 -20.27 24.22
N LYS D 189 -18.54 -21.46 24.26
CA LYS D 189 -17.14 -21.66 23.86
C LYS D 189 -17.05 -22.23 22.46
N LEU D 190 -16.85 -21.35 21.48
CA LEU D 190 -16.76 -21.75 20.09
C LEU D 190 -15.35 -22.21 19.77
N LYS D 191 -15.22 -23.10 18.78
CA LYS D 191 -13.91 -23.64 18.40
C LYS D 191 -13.13 -22.69 17.48
N TYR D 192 -13.85 -21.96 16.65
CA TYR D 192 -13.20 -21.26 15.52
C TYR D 192 -14.19 -20.28 14.90
N GLN D 193 -13.66 -19.27 14.21
CA GLN D 193 -14.52 -18.41 13.38
C GLN D 193 -13.87 -18.18 12.02
N VAL D 194 -14.67 -18.35 10.96
CA VAL D 194 -14.19 -18.21 9.61
C VAL D 194 -14.83 -16.97 9.02
N LEU D 195 -14.04 -15.91 8.82
CA LEU D 195 -14.60 -14.64 8.37
C LEU D 195 -14.14 -14.35 6.95
N ILE D 196 -15.08 -14.44 6.02
CA ILE D 196 -14.76 -14.30 4.61
C ILE D 196 -15.12 -12.89 4.15
N TYR D 197 -14.10 -12.12 3.83
CA TYR D 197 -14.20 -10.69 3.51
C TYR D 197 -15.28 -9.98 4.33
N PRO D 198 -15.16 -10.01 5.63
CA PRO D 198 -16.21 -9.50 6.47
C PRO D 198 -16.33 -7.98 6.44
N ALA D 199 -17.51 -7.48 6.73
CA ALA D 199 -17.75 -6.09 6.98
C ALA D 199 -17.62 -5.93 8.49
N VAL D 200 -16.70 -5.13 8.97
CA VAL D 200 -16.47 -5.05 10.42
C VAL D 200 -16.63 -3.65 11.00
N SER D 201 -16.80 -2.66 10.13
CA SER D 201 -16.90 -1.29 10.59
C SER D 201 -17.56 -0.42 9.55
N PHE D 202 -18.39 0.53 9.98
CA PHE D 202 -18.67 1.71 9.18
C PHE D 202 -17.33 2.36 8.82
N ASP D 203 -17.17 2.73 7.56
CA ASP D 203 -15.90 3.16 7.00
C ASP D 203 -16.00 4.33 6.06
N LEU D 204 -15.33 5.42 6.38
CA LEU D 204 -15.21 6.55 5.49
C LEU D 204 -13.74 6.90 5.25
N ILE D 205 -12.87 6.05 5.73
CA ILE D 205 -11.46 6.41 5.83
C ILE D 205 -10.42 5.46 5.24
N THR D 206 -10.72 4.17 5.13
CA THR D 206 -9.62 3.26 4.72
C THR D 206 -9.21 3.54 3.27
N LYS D 207 -7.92 3.33 2.98
CA LYS D 207 -7.41 3.51 1.64
C LYS D 207 -8.11 2.57 0.64
N SER D 208 -8.39 1.34 1.05
CA SER D 208 -9.04 0.38 0.13
C SER D 208 -10.46 0.81 -0.26
N LEU D 209 -11.18 1.45 0.66
CA LEU D 209 -12.50 1.99 0.37
C LEU D 209 -12.46 2.92 -0.85
N TYR D 210 -11.47 3.81 -0.90
CA TYR D 210 -11.33 4.76 -1.99
C TYR D 210 -10.68 4.16 -3.23
N ASP D 211 -9.67 3.32 -3.05
CA ASP D 211 -9.01 2.68 -4.20
C ASP D 211 -9.93 1.71 -4.92
N ASN D 212 -10.77 1.02 -4.16
CA ASN D 212 -11.51 -0.13 -4.68
C ASN D 212 -13.00 0.10 -4.70
N GLY D 213 -13.40 1.35 -4.43
CA GLY D 213 -14.80 1.65 -4.19
C GLY D 213 -15.64 1.75 -5.45
N GLU D 214 -15.00 1.78 -6.62
CA GLU D 214 -15.73 1.65 -7.90
C GLU D 214 -15.03 0.65 -8.82
N GLY D 215 -15.82 -0.06 -9.63
CA GLY D 215 -15.29 -0.88 -10.70
C GLY D 215 -15.03 -2.33 -10.31
N PHE D 216 -15.32 -2.67 -9.08
CA PHE D 216 -15.00 -3.99 -8.60
C PHE D 216 -16.20 -4.63 -7.96
N PHE D 217 -17.35 -4.54 -8.60
CA PHE D 217 -18.54 -5.27 -8.17
C PHE D 217 -19.22 -4.72 -6.92
N LEU D 218 -18.52 -4.67 -5.80
CA LEU D 218 -19.07 -4.04 -4.63
C LEU D 218 -18.59 -2.60 -4.59
N THR D 219 -19.52 -1.66 -4.80
CA THR D 219 -19.20 -0.23 -4.94
C THR D 219 -19.61 0.55 -3.68
N ARG D 220 -19.11 1.78 -3.56
CA ARG D 220 -19.56 2.69 -2.50
C ARG D 220 -21.07 2.82 -2.47
N GLU D 221 -21.69 2.95 -3.64
CA GLU D 221 -23.13 3.16 -3.74
C GLU D 221 -23.89 1.95 -3.18
N HIS D 222 -23.35 0.76 -3.41
CA HIS D 222 -23.91 -0.45 -2.82
C HIS D 222 -23.78 -0.42 -1.31
N ILE D 223 -22.57 -0.17 -0.82
CA ILE D 223 -22.34 -0.13 0.64
C ILE D 223 -23.28 0.84 1.34
N ASP D 224 -23.42 2.04 0.77
CA ASP D 224 -24.35 3.06 1.26
C ASP D 224 -25.78 2.54 1.31
N TRP D 225 -26.25 2.02 0.18
CA TRP D 225 -27.62 1.55 0.04
C TRP D 225 -27.95 0.38 0.98
N PHE D 226 -27.04 -0.58 1.10
CA PHE D 226 -27.23 -1.68 2.06
C PHE D 226 -27.36 -1.15 3.49
N GLY D 227 -26.44 -0.28 3.90
CA GLY D 227 -26.48 0.28 5.25
C GLY D 227 -27.77 1.06 5.50
N GLN D 228 -28.23 1.76 4.47
CA GLN D 228 -29.51 2.48 4.56
C GLN D 228 -30.70 1.55 4.76
N GLN D 229 -30.68 0.40 4.07
CA GLN D 229 -31.75 -0.60 4.21
C GLN D 229 -31.75 -1.25 5.58
N TYR D 230 -30.54 -1.44 6.13
CA TYR D 230 -30.34 -2.28 7.30
C TYR D 230 -30.52 -1.48 8.60
N LEU D 231 -29.84 -0.35 8.72
CA LEU D 231 -29.77 0.36 10.02
C LEU D 231 -31.04 1.18 10.33
N ARG D 232 -31.30 1.42 11.62
CA ARG D 232 -32.46 2.21 12.04
C ARG D 232 -32.12 3.69 12.08
N SER D 233 -31.01 4.04 12.71
CA SER D 233 -30.58 5.44 12.76
C SER D 233 -29.05 5.53 12.84
N PHE D 234 -28.56 6.77 12.80
CA PHE D 234 -27.14 7.06 12.95
C PHE D 234 -26.59 6.50 14.25
N ALA D 235 -27.43 6.44 15.28
CA ALA D 235 -27.00 5.89 16.57
C ALA D 235 -26.48 4.44 16.45
N ASP D 236 -27.01 3.69 15.48
CA ASP D 236 -26.59 2.29 15.29
C ASP D 236 -25.12 2.18 14.87
N LEU D 237 -24.55 3.28 14.41
CA LEU D 237 -23.14 3.33 14.06
C LEU D 237 -22.22 3.20 15.30
N LEU D 238 -22.75 3.43 16.49
CA LEU D 238 -21.99 3.18 17.73
C LEU D 238 -22.08 1.72 18.20
N ASP D 239 -22.95 0.94 17.58
CA ASP D 239 -23.28 -0.40 18.09
C ASP D 239 -22.30 -1.46 17.55
N PHE D 240 -21.59 -2.12 18.47
CA PHE D 240 -20.63 -3.17 18.11
C PHE D 240 -21.29 -4.32 17.35
N ARG D 241 -22.59 -4.49 17.54
CA ARG D 241 -23.35 -5.49 16.80
C ARG D 241 -23.49 -5.13 15.32
N PHE D 242 -23.20 -3.87 14.99
CA PHE D 242 -23.05 -3.48 13.58
C PHE D 242 -21.58 -3.40 13.16
N SER D 243 -20.75 -2.81 14.02
CA SER D 243 -19.31 -2.68 13.76
C SER D 243 -18.50 -3.43 14.82
N PRO D 244 -18.33 -4.75 14.64
CA PRO D 244 -17.69 -5.54 15.67
C PRO D 244 -16.26 -5.08 15.99
N ILE D 245 -15.60 -4.31 15.12
CA ILE D 245 -14.25 -3.77 15.47
C ILE D 245 -14.28 -2.98 16.79
N LEU D 246 -15.45 -2.44 17.13
CA LEU D 246 -15.61 -1.64 18.36
C LEU D 246 -15.48 -2.47 19.63
N ALA D 247 -15.80 -3.76 19.51
CA ALA D 247 -15.87 -4.62 20.68
C ALA D 247 -14.47 -4.93 21.23
N ASP D 248 -14.42 -5.22 22.52
CA ASP D 248 -13.28 -5.91 23.14
C ASP D 248 -13.17 -7.32 22.54
N LEU D 249 -12.05 -7.62 21.89
CA LEU D 249 -11.93 -8.88 21.15
C LEU D 249 -11.11 -9.96 21.88
N ASN D 250 -10.78 -9.71 23.14
CA ASN D 250 -10.12 -10.72 23.99
C ASN D 250 -10.94 -12.02 24.14
N ASP D 251 -10.24 -13.15 24.13
CA ASP D 251 -10.85 -14.46 24.40
C ASP D 251 -11.85 -14.92 23.35
N LEU D 252 -11.75 -14.38 22.13
CA LEU D 252 -12.59 -14.86 21.05
C LEU D 252 -11.94 -16.09 20.42
N PRO D 253 -12.73 -16.92 19.72
CA PRO D 253 -12.16 -18.11 19.12
C PRO D 253 -11.14 -17.77 18.02
N PRO D 254 -10.17 -18.66 17.81
CA PRO D 254 -9.18 -18.43 16.77
C PRO D 254 -9.88 -18.31 15.42
N ALA D 255 -9.23 -17.62 14.48
CA ALA D 255 -9.91 -17.13 13.27
C ALA D 255 -9.11 -17.42 12.01
N LEU D 256 -9.84 -17.67 10.92
CA LEU D 256 -9.32 -17.52 9.57
C LEU D 256 -10.04 -16.32 8.94
N ILE D 257 -9.26 -15.31 8.55
CA ILE D 257 -9.85 -14.12 7.95
C ILE D 257 -9.32 -13.98 6.53
N ILE D 258 -10.23 -14.03 5.57
CA ILE D 258 -9.88 -13.96 4.16
C ILE D 258 -10.25 -12.58 3.64
N THR D 259 -9.28 -11.88 3.06
CA THR D 259 -9.61 -10.64 2.40
C THR D 259 -9.30 -10.76 0.92
N ALA D 260 -9.69 -9.76 0.15
CA ALA D 260 -9.49 -9.77 -1.29
C ALA D 260 -8.75 -8.48 -1.66
N GLU D 261 -7.73 -8.62 -2.50
CA GLU D 261 -6.94 -7.45 -2.91
C GLU D 261 -7.78 -6.27 -3.41
N HIS D 262 -8.76 -6.53 -4.29
CA HIS D 262 -9.47 -5.43 -4.96
C HIS D 262 -10.87 -5.22 -4.38
N ASP D 263 -10.94 -5.11 -3.06
CA ASP D 263 -12.20 -5.10 -2.32
C ASP D 263 -12.15 -3.83 -1.48
N PRO D 264 -13.20 -3.00 -1.53
CA PRO D 264 -13.22 -1.83 -0.62
C PRO D 264 -13.14 -2.20 0.86
N LEU D 265 -13.56 -3.42 1.21
CA LEU D 265 -13.56 -3.91 2.60
C LEU D 265 -12.23 -4.52 3.04
N ARG D 266 -11.25 -4.55 2.14
CA ARG D 266 -9.98 -5.24 2.43
C ARG D 266 -9.30 -4.73 3.69
N ASP D 267 -9.05 -3.42 3.76
CA ASP D 267 -8.25 -2.88 4.87
C ASP D 267 -8.94 -3.13 6.22
N GLN D 268 -10.26 -2.92 6.27
CA GLN D 268 -10.96 -3.13 7.55
C GLN D 268 -10.96 -4.59 7.99
N GLY D 269 -10.96 -5.52 7.02
CA GLY D 269 -10.91 -6.95 7.34
C GLY D 269 -9.55 -7.31 7.94
N GLU D 270 -8.48 -6.74 7.37
CA GLU D 270 -7.13 -6.91 7.90
C GLU D 270 -6.93 -6.19 9.24
N ALA D 271 -7.61 -5.07 9.44
CA ALA D 271 -7.63 -4.42 10.76
C ALA D 271 -8.24 -5.35 11.82
N TYR D 272 -9.37 -5.96 11.51
CA TYR D 272 -10.02 -6.87 12.44
C TYR D 272 -9.08 -8.01 12.86
N ALA D 273 -8.38 -8.59 11.88
CA ALA D 273 -7.38 -9.60 12.14
C ALA D 273 -6.29 -9.06 13.09
N ASN D 274 -5.74 -7.87 12.80
CA ASN D 274 -4.71 -7.26 13.64
C ASN D 274 -5.19 -6.95 15.06
N LYS D 275 -6.45 -6.51 15.18
CA LYS D 275 -7.02 -6.24 16.51
C LYS D 275 -7.24 -7.53 17.31
N LEU D 276 -7.69 -8.59 16.64
CA LEU D 276 -7.71 -9.92 17.27
C LEU D 276 -6.32 -10.32 17.79
N LEU D 277 -5.32 -10.31 16.90
CA LEU D 277 -3.95 -10.58 17.31
C LEU D 277 -3.50 -9.77 18.52
N GLN D 278 -3.69 -8.45 18.45
CA GLN D 278 -3.37 -7.55 19.57
C GLN D 278 -4.06 -8.00 20.87
N SER D 279 -5.20 -8.66 20.74
CA SER D 279 -6.01 -9.07 21.89
C SER D 279 -5.67 -10.48 22.39
N GLY D 280 -4.64 -11.08 21.80
CA GLY D 280 -4.18 -12.40 22.21
C GLY D 280 -4.86 -13.59 21.53
N VAL D 281 -5.63 -13.34 20.47
CA VAL D 281 -6.34 -14.41 19.74
C VAL D 281 -5.51 -14.85 18.51
N GLN D 282 -5.40 -16.16 18.29
CA GLN D 282 -4.65 -16.64 17.13
C GLN D 282 -5.46 -16.41 15.86
N VAL D 283 -4.83 -15.82 14.85
CA VAL D 283 -5.52 -15.60 13.59
C VAL D 283 -4.63 -15.75 12.38
N THR D 284 -5.15 -16.46 11.39
CA THR D 284 -4.49 -16.58 10.10
C THR D 284 -5.22 -15.67 9.12
N SER D 285 -4.56 -14.58 8.79
CA SER D 285 -5.15 -13.55 7.93
C SER D 285 -4.51 -13.67 6.55
N VAL D 286 -5.31 -13.93 5.54
CA VAL D 286 -4.80 -14.23 4.24
C VAL D 286 -5.49 -13.35 3.19
N ARG D 287 -4.72 -12.57 2.45
CA ARG D 287 -5.25 -11.72 1.39
C ARG D 287 -5.11 -12.46 0.08
N PHE D 288 -6.24 -12.82 -0.53
CA PHE D 288 -6.22 -13.39 -1.85
C PHE D 288 -6.07 -12.28 -2.87
N ASN D 289 -5.00 -12.34 -3.64
CA ASN D 289 -4.67 -11.30 -4.61
C ASN D 289 -5.41 -11.49 -5.92
N ASN D 290 -5.55 -10.41 -6.68
CA ASN D 290 -6.12 -10.43 -8.03
C ASN D 290 -7.61 -10.71 -8.09
N VAL D 291 -8.28 -10.69 -6.94
CA VAL D 291 -9.71 -11.01 -6.90
C VAL D 291 -10.50 -9.88 -6.23
N ILE D 292 -11.82 -9.97 -6.30
CA ILE D 292 -12.72 -8.91 -5.87
C ILE D 292 -13.56 -9.40 -4.70
N HIS D 293 -14.20 -8.49 -3.97
CA HIS D 293 -15.24 -8.86 -3.03
C HIS D 293 -16.21 -9.88 -3.63
N GLY D 294 -16.59 -10.89 -2.86
CA GLY D 294 -17.56 -11.89 -3.32
C GLY D 294 -16.99 -13.08 -4.08
N PHE D 295 -15.66 -13.10 -4.29
CA PHE D 295 -15.04 -14.09 -5.18
C PHE D 295 -15.27 -15.55 -4.77
N VAL D 296 -15.42 -15.81 -3.47
CA VAL D 296 -15.69 -17.18 -3.01
C VAL D 296 -17.06 -17.67 -3.52
N SER D 297 -18.01 -16.76 -3.68
CA SER D 297 -19.32 -17.13 -4.21
C SER D 297 -19.25 -17.56 -5.67
N PHE D 298 -18.15 -17.22 -6.34
CA PHE D 298 -18.01 -17.54 -7.77
C PHE D 298 -17.02 -18.68 -7.99
N PHE D 299 -16.86 -19.51 -6.96
CA PHE D 299 -15.91 -20.60 -7.00
C PHE D 299 -15.95 -21.52 -8.25
N PRO D 300 -17.14 -21.69 -8.86
CA PRO D 300 -17.21 -22.56 -10.05
C PRO D 300 -16.45 -22.00 -11.25
N PHE D 301 -16.29 -20.69 -11.29
CA PHE D 301 -15.62 -19.98 -12.35
C PHE D 301 -14.28 -19.33 -11.99
N ILE D 302 -14.06 -19.02 -10.72
CA ILE D 302 -12.90 -18.32 -10.21
C ILE D 302 -12.14 -19.30 -9.35
N GLU D 303 -11.11 -19.88 -9.91
CA GLU D 303 -10.40 -20.96 -9.24
C GLU D 303 -9.87 -20.53 -7.86
N GLN D 304 -9.52 -19.25 -7.71
CA GLN D 304 -9.08 -18.76 -6.37
C GLN D 304 -10.17 -18.94 -5.32
N GLY D 305 -11.43 -18.84 -5.75
CA GLY D 305 -12.56 -19.11 -4.89
C GLY D 305 -12.60 -20.55 -4.39
N ARG D 306 -12.32 -21.47 -5.29
CA ARG D 306 -12.25 -22.89 -4.95
C ARG D 306 -11.09 -23.13 -3.98
N ASP D 307 -9.95 -22.48 -4.22
CA ASP D 307 -8.81 -22.62 -3.32
C ASP D 307 -9.06 -22.02 -1.95
N ALA D 308 -9.83 -20.94 -1.90
CA ALA D 308 -10.26 -20.38 -0.60
C ALA D 308 -11.09 -21.39 0.20
N ILE D 309 -12.01 -22.07 -0.49
CA ILE D 309 -12.82 -23.12 0.15
C ILE D 309 -11.98 -24.27 0.64
N GLY D 310 -10.94 -24.62 -0.12
CA GLY D 310 -9.95 -25.60 0.32
C GLY D 310 -9.30 -25.21 1.63
N LEU D 311 -8.84 -23.96 1.72
CA LEU D 311 -8.20 -23.43 2.93
C LEU D 311 -9.16 -23.45 4.13
N ILE D 312 -10.39 -22.98 3.91
CA ILE D 312 -11.43 -23.01 4.93
C ILE D 312 -11.63 -24.45 5.41
N GLY D 313 -11.65 -25.38 4.46
CA GLY D 313 -11.83 -26.80 4.79
C GLY D 313 -10.66 -27.31 5.62
N TYR D 314 -9.44 -26.94 5.24
CA TYR D 314 -8.26 -27.33 6.01
C TYR D 314 -8.30 -26.82 7.44
N VAL D 315 -8.56 -25.52 7.65
CA VAL D 315 -8.49 -24.99 9.00
C VAL D 315 -9.54 -25.63 9.92
N LEU D 316 -10.72 -25.90 9.38
CA LEU D 316 -11.77 -26.52 10.18
C LEU D 316 -11.53 -28.01 10.47
N ARG D 317 -11.03 -28.75 9.48
CA ARG D 317 -10.58 -30.13 9.72
C ARG D 317 -9.50 -30.18 10.80
N LYS D 318 -8.56 -29.24 10.73
CA LYS D 318 -7.49 -29.15 11.72
C LYS D 318 -8.05 -28.92 13.12
N VAL D 319 -8.88 -27.89 13.28
CA VAL D 319 -9.36 -27.55 14.61
C VAL D 319 -10.34 -28.58 15.16
N PHE D 320 -11.21 -29.11 14.31
CA PHE D 320 -12.13 -30.14 14.75
C PHE D 320 -11.50 -31.51 14.99
N TYR D 321 -10.66 -31.96 14.06
CA TYR D 321 -10.27 -33.37 14.00
C TYR D 321 -8.77 -33.59 14.23
N GLY D 322 -8.08 -32.50 14.40
CA GLY D 322 -6.66 -32.51 14.60
C GLY D 322 -5.97 -33.06 13.40
N LYS D 323 -6.57 -32.84 12.24
CA LYS D 323 -6.00 -33.26 10.98
C LYS D 323 -5.12 -32.15 10.49
C1 MPD E . 16.29 -13.60 -1.98
C2 MPD E . 17.35 -14.70 -1.76
O2 MPD E . 17.53 -14.91 -0.33
CM MPD E . 16.86 -16.01 -2.36
C3 MPD E . 18.71 -14.34 -2.34
C4 MPD E . 18.68 -13.78 -3.76
O4 MPD E . 20.00 -13.68 -4.25
C5 MPD E . 17.84 -14.66 -4.69
C1 MRD F . 15.72 -5.37 -15.03
C2 MRD F . 17.08 -5.99 -14.70
O2 MRD F . 16.91 -6.86 -13.55
CM MRD F . 17.55 -6.84 -15.87
C3 MRD F . 18.05 -4.86 -14.37
C4 MRD F . 17.33 -3.87 -13.47
O4 MRD F . 17.66 -2.52 -13.76
C5 MRD F . 17.62 -4.18 -12.01
P PO4 G . 15.72 -19.23 4.47
O1 PO4 G . 14.37 -19.05 3.80
O2 PO4 G . 15.77 -20.58 5.15
O3 PO4 G . 15.92 -18.12 5.47
O4 PO4 G . 16.80 -19.16 3.41
P PO4 H . 25.70 -20.91 -19.09
O1 PO4 H . 25.94 -20.90 -20.58
O2 PO4 H . 26.99 -21.22 -18.35
O3 PO4 H . 25.23 -19.54 -18.66
O4 PO4 H . 24.66 -21.97 -18.80
C1 MPD I . 10.00 7.62 -19.31
C2 MPD I . 8.94 6.58 -19.65
O2 MPD I . 8.58 5.83 -18.45
CM MPD I . 7.68 7.30 -20.14
C3 MPD I . 9.55 5.63 -20.70
C4 MPD I . 10.52 4.58 -20.11
O4 MPD I . 11.09 3.80 -21.15
C5 MPD I . 11.66 5.21 -19.34
C1 MPD J . 1.90 23.55 -22.82
C2 MPD J . 1.64 22.35 -21.93
O2 MPD J . 1.38 22.89 -20.60
CM MPD J . 0.43 21.59 -22.44
C3 MPD J . 2.83 21.37 -21.90
C4 MPD J . 3.91 21.70 -20.89
O4 MPD J . 4.85 20.63 -20.84
C5 MPD J . 4.66 22.97 -21.29
C1 MPD K . 4.70 16.53 -21.08
C2 MPD K . 4.49 15.11 -21.56
O2 MPD K . 3.09 14.94 -21.91
CM MPD K . 5.29 14.84 -22.83
C3 MPD K . 4.88 14.17 -20.42
C4 MPD K . 4.38 12.75 -20.60
O4 MPD K . 5.23 12.07 -21.52
C5 MPD K . 4.43 12.03 -19.25
P PO4 L . 28.07 3.04 -25.42
O1 PO4 L . 28.51 4.17 -24.51
O2 PO4 L . 29.31 2.27 -25.84
O3 PO4 L . 27.41 3.58 -26.67
O4 PO4 L . 27.12 2.10 -24.73
C1 MRD M . -4.51 12.18 16.85
C2 MRD M . -4.69 13.24 17.95
O2 MRD M . -3.39 13.45 18.58
CM MRD M . -5.16 14.57 17.40
C3 MRD M . -5.62 12.67 19.01
C4 MRD M . -7.11 12.98 18.89
O4 MRD M . -7.86 11.97 19.53
C5 MRD M . -7.66 13.31 17.51
C1 MRD N . -12.48 6.08 24.85
C2 MRD N . -12.89 7.08 23.79
O2 MRD N . -13.27 6.33 22.61
CM MRD N . -11.73 7.98 23.40
C3 MRD N . -14.12 7.88 24.24
C4 MRD N . -13.92 8.72 25.49
O4 MRD N . -13.37 7.98 26.55
C5 MRD N . -15.24 9.30 25.95
C1 MRD O . -17.92 4.94 15.63
C2 MRD O . -17.30 4.90 14.24
O2 MRD O . -16.48 3.70 14.13
CM MRD O . -18.39 4.81 13.19
C3 MRD O . -16.42 6.12 14.03
C4 MRD O . -17.11 7.22 13.22
O4 MRD O . -18.50 7.02 13.26
C5 MRD O . -16.61 7.27 11.78
P PO4 P . -23.03 20.24 22.76
O1 PO4 P . -22.31 20.48 24.06
O2 PO4 P . -24.52 20.19 23.02
O3 PO4 P . -22.58 18.91 22.21
O4 PO4 P . -22.75 21.35 21.77
C1 MRD Q . -22.15 -5.48 1.76
C2 MRD Q . -21.76 -4.83 3.08
O2 MRD Q . -21.72 -5.86 4.10
CM MRD Q . -20.39 -4.19 2.98
C3 MRD Q . -22.80 -3.80 3.49
C4 MRD Q . -22.44 -3.02 4.76
O4 MRD Q . -22.06 -3.85 5.83
C5 MRD Q . -23.63 -2.15 5.20
C1 MRD R . -25.03 5.92 7.65
C2 MRD R . -26.25 5.23 7.06
O2 MRD R . -26.91 6.18 6.18
CM MRD R . -25.82 4.05 6.22
C3 MRD R . -27.19 4.79 8.20
C4 MRD R . -28.52 5.54 8.25
O4 MRD R . -29.31 4.98 9.27
C5 MRD R . -29.31 5.41 6.94
P PO4 S . -31.93 -2.80 20.47
O1 PO4 S . -30.90 -1.86 19.86
O2 PO4 S . -31.37 -4.19 20.61
O3 PO4 S . -32.32 -2.29 21.84
O4 PO4 S . -33.14 -2.79 19.55
#